data_5YCS
#
_entry.id   5YCS
#
_cell.length_a   126.768
_cell.length_b   126.768
_cell.length_c   183.700
_cell.angle_alpha   90.00
_cell.angle_beta   90.00
_cell.angle_gamma   120.00
#
_symmetry.space_group_name_H-M   'P 32 2 1'
#
loop_
_entity.id
_entity.type
_entity.pdbx_description
1 polymer 'Enoyl-[acyl-carrier-protein] reductase [NADH] FabI'
2 non-polymer NICOTINAMIDE-ADENINE-DINUCLEOTIDE
3 non-polymer TRICLOSAN
4 non-polymer 'SULFATE ION'
5 water water
#
_entity_poly.entity_id   1
_entity_poly.type   'polypeptide(L)'
_entity_poly.pdbx_seq_one_letter_code
;GSMELLQGKTFVVMGVANQRSIAWGIARSLHNAGAKLIFTYAGERLERNVRELADTLEGQESLVLPCDVTNDEELTACFE
TIKQEVGTIHGVAHCIAFANRDDLKGEFVDTSRDGFLLAQNISAFSLTAVAREAKKVMTEGGNILTLTYLGGERVVKNYN
VMGVAKASLEASVKYLANDLGQHGIRVNAISAGPIRTLSAKGVGDFNSILREIEERAPLRRTTTQEEVGDTAVFLFSDLA
RGVTGENIHVDSGYHILG
;
_entity_poly.pdbx_strand_id   A,B,C,D
#
loop_
_chem_comp.id
_chem_comp.type
_chem_comp.name
_chem_comp.formula
NAD non-polymer NICOTINAMIDE-ADENINE-DINUCLEOTIDE 'C21 H27 N7 O14 P2'
SO4 non-polymer 'SULFATE ION' 'O4 S -2'
TCL non-polymer TRICLOSAN 'C12 H7 Cl3 O2'
#
# COMPACT_ATOMS: atom_id res chain seq x y z
N MET A 3 -3.85 -19.15 27.98
CA MET A 3 -4.10 -20.51 28.44
C MET A 3 -5.60 -20.73 28.61
N GLU A 4 -6.34 -19.62 28.69
CA GLU A 4 -7.79 -19.70 28.74
C GLU A 4 -8.44 -18.62 27.86
N LEU A 5 -7.67 -17.97 26.99
CA LEU A 5 -8.22 -16.95 26.09
C LEU A 5 -9.38 -17.45 25.24
N LEU A 6 -9.34 -18.73 24.86
CA LEU A 6 -10.36 -19.30 23.97
C LEU A 6 -11.21 -20.36 24.68
N GLN A 7 -11.17 -20.36 26.01
CA GLN A 7 -11.96 -21.30 26.80
C GLN A 7 -13.43 -21.24 26.39
N GLY A 8 -14.03 -22.40 26.19
CA GLY A 8 -15.44 -22.48 25.83
C GLY A 8 -15.75 -22.26 24.36
N LYS A 9 -14.72 -22.05 23.54
CA LYS A 9 -14.97 -21.78 22.11
C LYS A 9 -14.53 -22.94 21.22
N THR A 10 -15.18 -23.08 20.07
CA THR A 10 -14.87 -24.15 19.13
C THR A 10 -14.55 -23.59 17.75
N PHE A 11 -13.48 -24.09 17.14
CA PHE A 11 -13.04 -23.61 15.83
C PHE A 11 -12.89 -24.76 14.86
N VAL A 12 -13.20 -24.50 13.60
CA VAL A 12 -12.98 -25.46 12.54
C VAL A 12 -11.67 -25.14 11.87
N VAL A 13 -10.76 -26.10 11.88
CA VAL A 13 -9.46 -25.95 11.23
C VAL A 13 -9.43 -26.77 9.92
N MET A 14 -9.32 -26.07 8.80
CA MET A 14 -9.30 -26.70 7.48
C MET A 14 -7.90 -26.65 6.89
N GLY A 15 -7.39 -27.77 6.40
CA GLY A 15 -6.10 -27.73 5.75
C GLY A 15 -4.93 -28.41 6.43
N VAL A 16 -5.16 -29.13 7.51
CA VAL A 16 -4.11 -30.02 8.01
C VAL A 16 -3.85 -31.13 6.99
N ALA A 17 -2.58 -31.37 6.66
CA ALA A 17 -2.22 -32.52 5.84
C ALA A 17 -1.18 -33.38 6.56
N ASN A 18 -0.26 -32.75 7.28
CA ASN A 18 0.66 -33.49 8.13
C ASN A 18 1.17 -32.60 9.26
N GLN A 19 2.17 -33.09 9.99
CA GLN A 19 2.59 -32.41 11.22
C GLN A 19 3.32 -31.10 10.92
N ARG A 20 3.69 -30.87 9.66
CA ARG A 20 4.33 -29.62 9.28
C ARG A 20 3.35 -28.58 8.77
N SER A 21 2.09 -28.98 8.56
CA SER A 21 1.09 -28.05 8.06
C SER A 21 0.97 -26.83 8.96
N ILE A 22 0.83 -25.65 8.37
CA ILE A 22 0.63 -24.45 9.20
C ILE A 22 -0.68 -24.61 9.97
N ALA A 23 -1.66 -25.30 9.37
CA ALA A 23 -2.94 -25.51 10.04
C ALA A 23 -2.77 -26.30 11.34
N TRP A 24 -1.76 -27.15 11.40
CA TRP A 24 -1.52 -27.97 12.57
C TRP A 24 -0.85 -27.10 13.66
N GLY A 25 0.00 -26.15 13.25
CA GLY A 25 0.51 -25.15 14.18
C GLY A 25 -0.61 -24.29 14.75
N ILE A 26 -1.55 -23.91 13.89
CA ILE A 26 -2.70 -23.15 14.35
C ILE A 26 -3.52 -23.99 15.32
N ALA A 27 -3.80 -25.25 14.96
CA ALA A 27 -4.60 -26.12 15.83
C ALA A 27 -3.98 -26.23 17.23
N ARG A 28 -2.68 -26.51 17.29
CA ARG A 28 -1.99 -26.66 18.56
C ARG A 28 -2.07 -25.39 19.40
N SER A 29 -1.90 -24.23 18.77
CA SER A 29 -1.97 -22.97 19.51
C SER A 29 -3.37 -22.71 20.05
N LEU A 30 -4.38 -23.01 19.24
CA LEU A 30 -5.76 -22.78 19.68
C LEU A 30 -6.07 -23.71 20.85
N HIS A 31 -5.60 -24.95 20.76
CA HIS A 31 -5.81 -25.92 21.83
C HIS A 31 -5.12 -25.45 23.11
N ASN A 32 -3.88 -24.97 22.99
CA ASN A 32 -3.15 -24.44 24.15
C ASN A 32 -3.85 -23.24 24.81
N ALA A 33 -4.64 -22.50 24.04
CA ALA A 33 -5.41 -21.38 24.58
C ALA A 33 -6.82 -21.78 25.03
N GLY A 34 -7.09 -23.07 25.08
CA GLY A 34 -8.33 -23.56 25.65
C GLY A 34 -9.44 -23.92 24.68
N ALA A 35 -9.20 -23.79 23.38
CA ALA A 35 -10.25 -24.06 22.39
C ALA A 35 -10.49 -25.56 22.18
N LYS A 36 -11.70 -25.89 21.75
CA LYS A 36 -11.99 -27.21 21.18
C LYS A 36 -11.93 -27.10 19.66
N LEU A 37 -11.46 -28.16 19.01
CA LEU A 37 -11.17 -28.10 17.58
C LEU A 37 -11.89 -29.19 16.78
N ILE A 38 -12.34 -28.78 15.58
CA ILE A 38 -12.89 -29.65 14.56
C ILE A 38 -11.94 -29.59 13.35
N PHE A 39 -11.68 -30.73 12.71
CA PHE A 39 -10.77 -30.76 11.56
C PHE A 39 -11.48 -31.23 10.30
N THR A 40 -11.19 -30.60 9.17
CA THR A 40 -11.64 -31.12 7.89
C THR A 40 -10.41 -31.49 7.07
N TYR A 41 -10.54 -32.50 6.22
CA TYR A 41 -9.42 -32.97 5.41
C TYR A 41 -9.84 -33.14 3.95
N ALA A 42 -8.87 -33.04 3.03
CA ALA A 42 -9.20 -32.82 1.63
C ALA A 42 -9.74 -34.07 0.94
N GLY A 43 -9.09 -35.21 1.15
CA GLY A 43 -9.63 -36.46 0.63
C GLY A 43 -9.25 -37.70 1.44
N GLU A 44 -9.73 -38.86 0.99
CA GLU A 44 -9.50 -40.14 1.66
C GLU A 44 -8.03 -40.40 2.00
N ARG A 45 -7.12 -39.96 1.15
CA ARG A 45 -5.70 -40.20 1.34
C ARG A 45 -5.16 -39.49 2.59
N LEU A 46 -5.90 -38.50 3.08
CA LEU A 46 -5.44 -37.70 4.24
C LEU A 46 -6.16 -38.03 5.54
N GLU A 47 -7.22 -38.83 5.46
CA GLU A 47 -8.07 -39.09 6.63
C GLU A 47 -7.27 -39.61 7.83
N ARG A 48 -6.45 -40.64 7.62
CA ARG A 48 -5.76 -41.28 8.74
C ARG A 48 -4.79 -40.33 9.42
N ASN A 49 -4.00 -39.62 8.62
CA ASN A 49 -3.00 -38.72 9.15
C ASN A 49 -3.63 -37.57 9.94
N VAL A 50 -4.67 -36.96 9.38
CA VAL A 50 -5.32 -35.85 10.08
C VAL A 50 -5.92 -36.37 11.39
N ARG A 51 -6.52 -37.54 11.31
CA ARG A 51 -7.10 -38.18 12.47
C ARG A 51 -6.09 -38.50 13.57
N GLU A 52 -4.93 -39.01 13.18
CA GLU A 52 -3.85 -39.32 14.12
C GLU A 52 -3.42 -38.07 14.89
N LEU A 53 -3.21 -36.97 14.17
CA LEU A 53 -2.83 -35.70 14.78
C LEU A 53 -3.93 -35.17 15.69
N ALA A 54 -5.17 -35.17 15.19
CA ALA A 54 -6.29 -34.65 15.97
C ALA A 54 -6.46 -35.40 17.29
N ASP A 55 -6.12 -36.70 17.25
CA ASP A 55 -6.18 -37.57 18.43
C ASP A 55 -5.34 -37.11 19.59
N THR A 56 -4.21 -36.47 19.30
CA THR A 56 -3.23 -36.13 20.33
C THR A 56 -3.64 -34.92 21.16
N LEU A 57 -4.73 -34.29 20.79
CA LEU A 57 -5.25 -33.19 21.61
C LEU A 57 -6.04 -33.71 22.81
N GLU A 58 -5.49 -33.56 24.02
CA GLU A 58 -6.18 -34.16 25.17
C GLU A 58 -7.33 -33.28 25.62
N GLY A 59 -8.26 -33.86 26.38
CA GLY A 59 -9.38 -33.10 26.91
C GLY A 59 -10.55 -32.94 25.94
N GLN A 60 -10.44 -33.56 24.77
CA GLN A 60 -11.50 -33.53 23.76
C GLN A 60 -11.50 -34.80 22.92
N GLU A 61 -12.68 -35.17 22.43
CA GLU A 61 -12.80 -36.24 21.43
C GLU A 61 -12.72 -35.60 20.04
N SER A 62 -12.48 -36.40 19.01
CA SER A 62 -12.22 -35.82 17.69
C SER A 62 -13.45 -35.76 16.80
N LEU A 63 -13.65 -34.61 16.14
CA LEU A 63 -14.56 -34.55 15.00
C LEU A 63 -13.73 -34.20 13.77
N VAL A 64 -13.68 -35.14 12.83
CA VAL A 64 -12.78 -35.04 11.69
C VAL A 64 -13.55 -35.44 10.43
N LEU A 65 -13.73 -34.50 9.52
CA LEU A 65 -14.69 -34.67 8.41
C LEU A 65 -14.05 -34.39 7.06
N PRO A 66 -14.49 -35.13 6.03
CA PRO A 66 -14.00 -34.83 4.68
C PRO A 66 -14.61 -33.54 4.18
N CYS A 67 -13.80 -32.71 3.53
CA CYS A 67 -14.36 -31.50 2.94
C CYS A 67 -13.47 -31.01 1.80
N ASP A 68 -13.86 -31.37 0.59
CA ASP A 68 -13.23 -30.87 -0.63
C ASP A 68 -13.89 -29.53 -0.96
N VAL A 69 -13.13 -28.43 -0.85
CA VAL A 69 -13.74 -27.11 -0.98
C VAL A 69 -14.08 -26.75 -2.44
N THR A 70 -13.81 -27.66 -3.38
CA THR A 70 -14.28 -27.44 -4.75
C THR A 70 -15.68 -28.02 -4.93
N ASN A 71 -16.13 -28.77 -3.92
CA ASN A 71 -17.39 -29.52 -4.00
C ASN A 71 -18.47 -28.87 -3.12
N ASP A 72 -19.40 -28.16 -3.74
CA ASP A 72 -20.40 -27.40 -2.99
C ASP A 72 -21.36 -28.27 -2.18
N GLU A 73 -21.77 -29.42 -2.73
CA GLU A 73 -22.59 -30.35 -1.95
C GLU A 73 -21.84 -30.84 -0.71
N GLU A 74 -20.56 -31.17 -0.87
CA GLU A 74 -19.82 -31.69 0.29
C GLU A 74 -19.55 -30.60 1.32
N LEU A 75 -19.22 -29.41 0.83
CA LEU A 75 -18.96 -28.28 1.72
C LEU A 75 -20.19 -27.96 2.56
N THR A 76 -21.33 -27.89 1.90
CA THR A 76 -22.60 -27.63 2.57
C THR A 76 -22.93 -28.72 3.59
N ALA A 77 -22.76 -29.98 3.19
CA ALA A 77 -23.05 -31.10 4.09
C ALA A 77 -22.11 -31.12 5.28
N CYS A 78 -20.85 -30.80 5.04
CA CYS A 78 -19.86 -30.78 6.12
C CYS A 78 -20.26 -29.79 7.24
N PHE A 79 -20.59 -28.56 6.88
CA PHE A 79 -20.93 -27.57 7.91
C PHE A 79 -22.32 -27.81 8.50
N GLU A 80 -23.18 -28.55 7.79
CA GLU A 80 -24.44 -28.96 8.40
C GLU A 80 -24.16 -30.00 9.48
N THR A 81 -23.24 -30.91 9.19
CA THR A 81 -22.85 -31.91 10.18
C THR A 81 -22.22 -31.23 11.40
N ILE A 82 -21.36 -30.25 11.15
CA ILE A 82 -20.73 -29.49 12.22
C ILE A 82 -21.80 -28.82 13.09
N LYS A 83 -22.76 -28.16 12.46
CA LYS A 83 -23.87 -27.53 13.18
C LYS A 83 -24.61 -28.53 14.07
N GLN A 84 -24.89 -29.72 13.53
CA GLN A 84 -25.63 -30.72 14.31
C GLN A 84 -24.80 -31.28 15.45
N GLU A 85 -23.50 -31.41 15.25
CA GLU A 85 -22.64 -31.96 16.28
C GLU A 85 -22.30 -31.00 17.43
N VAL A 86 -22.11 -29.71 17.13
CA VAL A 86 -21.68 -28.79 18.20
C VAL A 86 -22.54 -27.53 18.32
N GLY A 87 -23.45 -27.32 17.38
CA GLY A 87 -24.43 -26.25 17.51
C GLY A 87 -23.92 -24.86 17.14
N THR A 88 -22.81 -24.46 17.75
CA THR A 88 -22.21 -23.17 17.47
C THR A 88 -20.70 -23.29 17.32
N ILE A 89 -20.14 -22.64 16.31
CA ILE A 89 -18.69 -22.51 16.26
C ILE A 89 -18.34 -21.02 16.33
N HIS A 90 -17.11 -20.73 16.71
CA HIS A 90 -16.71 -19.34 16.91
C HIS A 90 -15.67 -18.88 15.90
N GLY A 91 -15.39 -19.75 14.92
CA GLY A 91 -14.55 -19.32 13.83
C GLY A 91 -14.02 -20.47 12.99
N VAL A 92 -13.36 -20.10 11.91
CA VAL A 92 -12.82 -21.06 10.95
C VAL A 92 -11.41 -20.64 10.55
N ALA A 93 -10.47 -21.58 10.52
CA ALA A 93 -9.13 -21.34 9.97
C ALA A 93 -9.04 -21.97 8.59
N HIS A 94 -9.00 -21.12 7.57
CA HIS A 94 -8.94 -21.57 6.18
C HIS A 94 -7.47 -21.63 5.76
N CYS A 95 -6.92 -22.84 5.65
CA CYS A 95 -5.50 -23.02 5.39
C CYS A 95 -5.32 -23.87 4.14
N ILE A 96 -5.84 -23.39 3.03
CA ILE A 96 -6.01 -24.19 1.82
C ILE A 96 -5.54 -23.45 0.59
N ALA A 97 -4.72 -24.10 -0.23
CA ALA A 97 -4.29 -23.52 -1.49
C ALA A 97 -3.83 -24.63 -2.40
N PHE A 98 -3.92 -24.41 -3.70
CA PHE A 98 -3.37 -25.36 -4.65
C PHE A 98 -3.14 -24.67 -5.98
N ALA A 99 -2.06 -25.06 -6.65
CA ALA A 99 -1.80 -24.68 -8.05
C ALA A 99 -1.03 -25.82 -8.67
N ASN A 100 -1.13 -25.98 -9.99
CA ASN A 100 -0.39 -27.03 -10.69
C ASN A 100 1.09 -26.74 -10.69
N ARG A 101 1.92 -27.78 -10.50
CA ARG A 101 3.37 -27.62 -10.48
C ARG A 101 3.91 -26.97 -11.75
N ASP A 102 3.37 -27.33 -12.91
CA ASP A 102 3.90 -26.81 -14.17
C ASP A 102 3.66 -25.31 -14.29
N ASP A 103 2.57 -24.83 -13.70
CA ASP A 103 2.32 -23.39 -13.68
C ASP A 103 3.29 -22.68 -12.77
N LEU A 104 3.63 -23.30 -11.64
CA LEU A 104 4.54 -22.67 -10.68
C LEU A 104 5.98 -22.64 -11.16
N LYS A 105 6.33 -23.52 -12.10
CA LYS A 105 7.71 -23.64 -12.55
C LYS A 105 8.00 -22.74 -13.76
N GLY A 106 7.04 -22.64 -14.67
CA GLY A 106 7.21 -21.84 -15.87
C GLY A 106 7.28 -20.35 -15.57
N GLU A 107 7.41 -19.52 -16.61
CA GLU A 107 7.25 -18.08 -16.48
C GLU A 107 5.77 -17.78 -16.32
N PHE A 108 5.44 -16.70 -15.61
CA PHE A 108 4.04 -16.40 -15.33
C PHE A 108 3.22 -16.25 -16.62
N VAL A 109 3.83 -15.66 -17.64
CA VAL A 109 3.14 -15.39 -18.91
C VAL A 109 2.68 -16.69 -19.59
N ASP A 110 3.30 -17.82 -19.21
CA ASP A 110 2.92 -19.11 -19.79
C ASP A 110 1.92 -19.90 -18.95
N THR A 111 1.36 -19.29 -17.91
CA THR A 111 0.31 -19.91 -17.11
C THR A 111 -0.88 -20.37 -17.96
N SER A 112 -1.31 -21.62 -17.79
CA SER A 112 -2.48 -22.10 -18.52
C SER A 112 -3.78 -21.53 -17.96
N ARG A 113 -4.77 -21.38 -18.82
CA ARG A 113 -6.08 -20.93 -18.40
C ARG A 113 -6.70 -21.84 -17.34
N ASP A 114 -6.66 -23.16 -17.56
CA ASP A 114 -7.27 -24.07 -16.61
C ASP A 114 -6.52 -24.05 -15.28
N GLY A 115 -5.19 -23.97 -15.35
CA GLY A 115 -4.38 -23.87 -14.14
C GLY A 115 -4.65 -22.60 -13.36
N PHE A 116 -4.84 -21.49 -14.08
CA PHE A 116 -5.16 -20.22 -13.43
C PHE A 116 -6.50 -20.32 -12.69
N LEU A 117 -7.51 -20.84 -13.36
CA LEU A 117 -8.84 -20.94 -12.77
C LEU A 117 -8.89 -21.96 -11.63
N LEU A 118 -8.13 -23.04 -11.76
CA LEU A 118 -8.01 -24.02 -10.69
C LEU A 118 -7.41 -23.40 -9.43
N ALA A 119 -6.31 -22.66 -9.60
CA ALA A 119 -5.67 -21.97 -8.47
C ALA A 119 -6.61 -20.94 -7.82
N GLN A 120 -7.32 -20.18 -8.63
CA GLN A 120 -8.34 -19.24 -8.12
C GLN A 120 -9.47 -19.97 -7.36
N ASN A 121 -9.96 -21.06 -7.93
CA ASN A 121 -11.06 -21.81 -7.33
C ASN A 121 -10.69 -22.30 -5.92
N ILE A 122 -9.56 -22.99 -5.82
CA ILE A 122 -9.15 -23.63 -4.57
C ILE A 122 -8.53 -22.65 -3.58
N SER A 123 -7.72 -21.72 -4.07
CA SER A 123 -6.95 -20.86 -3.16
C SER A 123 -7.64 -19.54 -2.81
N ALA A 124 -8.62 -19.12 -3.60
CA ALA A 124 -9.25 -17.83 -3.34
C ALA A 124 -10.77 -17.93 -3.18
N PHE A 125 -11.46 -18.51 -4.16
CA PHE A 125 -12.92 -18.55 -4.05
C PHE A 125 -13.35 -19.40 -2.86
N SER A 126 -12.57 -20.44 -2.54
CA SER A 126 -12.97 -21.33 -1.45
C SER A 126 -13.15 -20.61 -0.11
N LEU A 127 -12.47 -19.49 0.12
CA LEU A 127 -12.66 -18.72 1.36
C LEU A 127 -14.10 -18.22 1.42
N THR A 128 -14.59 -17.73 0.29
CA THR A 128 -15.96 -17.24 0.21
C THR A 128 -16.96 -18.39 0.35
N ALA A 129 -16.73 -19.50 -0.34
CA ALA A 129 -17.63 -20.65 -0.23
C ALA A 129 -17.71 -21.15 1.21
N VAL A 130 -16.56 -21.22 1.88
CA VAL A 130 -16.51 -21.62 3.29
C VAL A 130 -17.24 -20.61 4.18
N ALA A 131 -16.97 -19.33 3.97
CA ALA A 131 -17.58 -18.25 4.77
C ALA A 131 -19.10 -18.29 4.68
N ARG A 132 -19.63 -18.56 3.49
CA ARG A 132 -21.08 -18.62 3.31
C ARG A 132 -21.72 -19.73 4.15
N GLU A 133 -21.02 -20.85 4.31
CA GLU A 133 -21.54 -21.94 5.16
C GLU A 133 -21.26 -21.67 6.63
N ALA A 134 -20.04 -21.19 6.93
CA ALA A 134 -19.63 -20.93 8.31
C ALA A 134 -20.53 -19.90 8.97
N LYS A 135 -20.94 -18.90 8.19
CA LYS A 135 -21.86 -17.86 8.63
C LYS A 135 -23.10 -18.43 9.33
N LYS A 136 -23.59 -19.57 8.83
CA LYS A 136 -24.78 -20.22 9.37
C LYS A 136 -24.55 -20.85 10.73
N VAL A 137 -23.30 -21.13 11.08
CA VAL A 137 -23.00 -21.80 12.35
C VAL A 137 -22.34 -20.86 13.37
N MET A 138 -21.97 -19.67 12.91
CA MET A 138 -21.29 -18.70 13.78
C MET A 138 -22.32 -17.69 14.34
N THR A 139 -23.27 -18.21 15.09
CA THR A 139 -24.43 -17.45 15.53
C THR A 139 -24.12 -16.45 16.65
N GLU A 140 -22.97 -16.60 17.30
CA GLU A 140 -22.50 -15.61 18.28
C GLU A 140 -21.36 -14.75 17.71
N GLY A 141 -21.20 -14.77 16.39
CA GLY A 141 -20.09 -14.08 15.75
C GLY A 141 -18.75 -14.77 15.97
N GLY A 142 -17.68 -14.14 15.53
CA GLY A 142 -16.35 -14.70 15.67
C GLY A 142 -15.49 -14.26 14.51
N ASN A 143 -14.46 -15.06 14.20
CA ASN A 143 -13.45 -14.68 13.21
C ASN A 143 -13.25 -15.78 12.18
N ILE A 144 -13.13 -15.37 10.91
CA ILE A 144 -12.69 -16.29 9.85
C ILE A 144 -11.28 -15.86 9.44
N LEU A 145 -10.35 -16.81 9.50
CA LEU A 145 -8.94 -16.54 9.20
C LEU A 145 -8.50 -17.26 7.92
N THR A 146 -7.69 -16.61 7.10
CA THR A 146 -7.04 -17.32 6.00
C THR A 146 -5.55 -17.02 6.03
N LEU A 147 -4.79 -17.79 5.26
CA LEU A 147 -3.34 -17.63 5.22
C LEU A 147 -2.89 -17.14 3.86
N THR A 148 -2.08 -16.08 3.84
CA THR A 148 -1.61 -15.55 2.58
C THR A 148 -0.08 -15.40 2.61
N TYR A 149 0.48 -14.79 1.59
CA TYR A 149 1.92 -14.71 1.46
C TYR A 149 2.28 -13.42 0.76
N LEU A 150 3.45 -12.89 1.08
CA LEU A 150 3.95 -11.66 0.48
C LEU A 150 3.79 -11.62 -1.04
N GLY A 151 3.83 -12.80 -1.67
CA GLY A 151 3.68 -12.89 -3.11
C GLY A 151 2.35 -12.42 -3.66
N GLY A 152 1.35 -12.27 -2.80
CA GLY A 152 0.09 -11.68 -3.21
C GLY A 152 0.13 -10.16 -3.28
N GLU A 153 1.15 -9.55 -2.65
CA GLU A 153 1.31 -8.10 -2.63
C GLU A 153 2.40 -7.62 -3.60
N ARG A 154 3.49 -8.37 -3.66
CA ARG A 154 4.63 -8.00 -4.49
C ARG A 154 5.19 -9.25 -5.18
N VAL A 155 6.00 -9.05 -6.21
CA VAL A 155 6.48 -10.19 -7.00
C VAL A 155 7.57 -10.96 -6.28
N VAL A 156 7.30 -12.22 -5.96
CA VAL A 156 8.32 -13.07 -5.38
C VAL A 156 8.63 -14.21 -6.36
N LYS A 157 9.90 -14.62 -6.41
CA LYS A 157 10.32 -15.57 -7.43
C LYS A 157 9.63 -16.93 -7.28
N ASN A 158 9.31 -17.56 -8.41
CA ASN A 158 8.77 -18.92 -8.43
C ASN A 158 7.43 -19.08 -7.73
N TYR A 159 6.65 -18.00 -7.67
CA TYR A 159 5.34 -18.05 -7.01
C TYR A 159 4.24 -17.85 -8.04
N ASN A 160 4.49 -16.93 -8.98
CA ASN A 160 3.68 -16.82 -10.21
C ASN A 160 2.17 -16.87 -10.00
N VAL A 161 1.53 -17.91 -10.52
CA VAL A 161 0.07 -18.03 -10.48
C VAL A 161 -0.45 -18.01 -9.04
N MET A 162 0.34 -18.48 -8.08
CA MET A 162 -0.14 -18.43 -6.69
C MET A 162 -0.12 -17.00 -6.16
N GLY A 163 0.80 -16.18 -6.63
CA GLY A 163 0.83 -14.78 -6.23
C GLY A 163 -0.46 -14.12 -6.63
N VAL A 164 -0.93 -14.42 -7.84
CA VAL A 164 -2.15 -13.81 -8.32
C VAL A 164 -3.36 -14.38 -7.57
N ALA A 165 -3.34 -15.68 -7.26
CA ALA A 165 -4.41 -16.23 -6.41
C ALA A 165 -4.42 -15.62 -5.00
N LYS A 166 -3.26 -15.33 -4.43
CA LYS A 166 -3.24 -14.71 -3.11
C LYS A 166 -3.71 -13.26 -3.15
N ALA A 167 -3.44 -12.55 -4.25
CA ALA A 167 -3.99 -11.19 -4.40
C ALA A 167 -5.51 -11.25 -4.38
N SER A 168 -6.04 -12.25 -5.07
CA SER A 168 -7.48 -12.49 -5.11
C SER A 168 -8.02 -12.83 -3.70
N LEU A 169 -7.32 -13.70 -3.01
CA LEU A 169 -7.68 -14.08 -1.64
C LEU A 169 -7.68 -12.85 -0.70
N GLU A 170 -6.65 -12.02 -0.80
CA GLU A 170 -6.55 -10.83 0.07
C GLU A 170 -7.68 -9.83 -0.22
N ALA A 171 -8.03 -9.64 -1.49
CA ALA A 171 -9.16 -8.78 -1.83
C ALA A 171 -10.46 -9.35 -1.27
N SER A 172 -10.58 -10.68 -1.34
CA SER A 172 -11.75 -11.41 -0.83
C SER A 172 -11.90 -11.19 0.68
N VAL A 173 -10.77 -11.19 1.39
CA VAL A 173 -10.79 -10.93 2.82
C VAL A 173 -11.48 -9.58 3.10
N LYS A 174 -11.14 -8.56 2.31
CA LYS A 174 -11.70 -7.24 2.52
C LYS A 174 -13.20 -7.20 2.19
N TYR A 175 -13.58 -7.72 1.02
CA TYR A 175 -14.98 -7.66 0.64
C TYR A 175 -15.84 -8.53 1.59
N LEU A 176 -15.29 -9.66 2.05
CA LEU A 176 -16.01 -10.48 3.01
C LEU A 176 -16.13 -9.78 4.39
N ALA A 177 -15.06 -9.15 4.84
CA ALA A 177 -15.08 -8.39 6.09
C ALA A 177 -16.21 -7.36 6.05
N ASN A 178 -16.31 -6.66 4.93
CA ASN A 178 -17.32 -5.62 4.77
C ASN A 178 -18.73 -6.19 4.80
N ASP A 179 -18.88 -7.40 4.26
CA ASP A 179 -20.17 -8.09 4.23
C ASP A 179 -20.61 -8.61 5.59
N LEU A 180 -19.69 -9.28 6.27
CA LEU A 180 -20.04 -10.09 7.41
C LEU A 180 -19.97 -9.35 8.74
N GLY A 181 -19.35 -8.16 8.73
CA GLY A 181 -19.14 -7.42 9.96
C GLY A 181 -20.42 -7.08 10.68
N GLN A 182 -21.46 -6.74 9.93
CA GLN A 182 -22.75 -6.42 10.52
C GLN A 182 -23.36 -7.61 11.29
N HIS A 183 -22.95 -8.83 10.94
CA HIS A 183 -23.39 -10.02 11.65
C HIS A 183 -22.41 -10.41 12.76
N GLY A 184 -21.48 -9.51 13.08
CA GLY A 184 -20.52 -9.79 14.12
C GLY A 184 -19.43 -10.77 13.76
N ILE A 185 -19.21 -10.98 12.46
CA ILE A 185 -18.15 -11.90 12.03
C ILE A 185 -16.98 -11.10 11.44
N ARG A 186 -15.80 -11.33 11.98
CA ARG A 186 -14.60 -10.67 11.48
C ARG A 186 -13.90 -11.56 10.45
N VAL A 187 -13.15 -10.96 9.52
CA VAL A 187 -12.43 -11.74 8.52
C VAL A 187 -11.03 -11.15 8.36
N ASN A 188 -10.01 -11.96 8.60
CA ASN A 188 -8.64 -11.47 8.61
C ASN A 188 -7.70 -12.46 7.95
N ALA A 189 -6.52 -11.99 7.55
CA ALA A 189 -5.50 -12.89 7.03
C ALA A 189 -4.25 -12.82 7.88
N ILE A 190 -3.50 -13.91 7.89
CA ILE A 190 -2.12 -13.86 8.35
C ILE A 190 -1.23 -14.06 7.13
N SER A 191 -0.28 -13.15 6.91
CA SER A 191 0.67 -13.34 5.83
C SER A 191 1.93 -13.96 6.44
N ALA A 192 2.09 -15.26 6.24
CA ALA A 192 3.18 -16.00 6.88
C ALA A 192 4.46 -15.90 6.08
N GLY A 193 5.61 -15.85 6.76
CA GLY A 193 6.88 -15.98 6.06
C GLY A 193 7.01 -17.43 5.60
N PRO A 194 8.01 -17.71 4.75
CA PRO A 194 8.27 -19.07 4.25
C PRO A 194 8.49 -20.08 5.38
N ILE A 195 7.79 -21.20 5.30
CA ILE A 195 7.91 -22.29 6.27
C ILE A 195 7.98 -23.63 5.49
N ARG A 196 8.88 -24.52 5.87
CA ARG A 196 9.00 -25.79 5.17
C ARG A 196 7.77 -26.65 5.45
N THR A 197 6.92 -26.80 4.45
CA THR A 197 5.73 -27.63 4.56
C THR A 197 5.68 -28.55 3.35
N LEU A 198 4.69 -29.42 3.32
CA LEU A 198 4.46 -30.29 2.16
C LEU A 198 4.34 -29.49 0.87
N SER A 199 3.65 -28.34 0.94
CA SER A 199 3.40 -27.54 -0.26
C SER A 199 4.58 -26.66 -0.65
N ALA A 200 5.54 -26.50 0.26
CA ALA A 200 6.72 -25.72 -0.04
C ALA A 200 7.57 -26.40 -1.11
N LYS A 201 7.34 -27.70 -1.30
CA LYS A 201 8.08 -28.45 -2.31
C LYS A 201 7.87 -27.91 -3.72
N GLY A 202 6.71 -27.32 -3.97
CA GLY A 202 6.36 -26.78 -5.27
C GLY A 202 7.00 -25.42 -5.57
N VAL A 203 7.56 -24.80 -4.53
CA VAL A 203 8.30 -23.56 -4.69
C VAL A 203 9.81 -23.87 -4.80
N GLY A 204 10.42 -23.50 -5.90
CA GLY A 204 11.80 -23.87 -6.19
C GLY A 204 12.85 -23.16 -5.34
N ASP A 205 13.95 -23.86 -5.07
CA ASP A 205 15.09 -23.31 -4.33
C ASP A 205 14.69 -22.80 -2.94
N PHE A 206 14.03 -23.65 -2.16
CA PHE A 206 13.43 -23.20 -0.91
C PHE A 206 14.47 -22.92 0.16
N ASN A 207 15.53 -23.73 0.19
CA ASN A 207 16.58 -23.53 1.19
C ASN A 207 17.22 -22.15 1.08
N SER A 208 17.36 -21.65 -0.15
CA SER A 208 17.97 -20.34 -0.37
C SER A 208 17.00 -19.22 0.00
N ILE A 209 15.70 -19.45 -0.20
CA ILE A 209 14.68 -18.52 0.24
C ILE A 209 14.73 -18.37 1.76
N LEU A 210 14.81 -19.50 2.47
CA LEU A 210 14.94 -19.47 3.92
C LEU A 210 16.21 -18.77 4.37
N ARG A 211 17.34 -19.04 3.70
CA ARG A 211 18.61 -18.40 4.05
C ARG A 211 18.52 -16.88 3.89
N GLU A 212 17.77 -16.44 2.88
CA GLU A 212 17.57 -15.03 2.62
C GLU A 212 16.82 -14.35 3.78
N ILE A 213 15.75 -14.99 4.25
CA ILE A 213 15.02 -14.52 5.43
C ILE A 213 15.96 -14.40 6.62
N GLU A 214 16.72 -15.46 6.89
CA GLU A 214 17.63 -15.50 8.03
C GLU A 214 18.62 -14.37 7.99
N GLU A 215 19.15 -14.10 6.80
CA GLU A 215 20.16 -13.06 6.63
C GLU A 215 19.59 -11.63 6.68
N ARG A 216 18.41 -11.43 6.11
CA ARG A 216 17.92 -10.07 5.87
C ARG A 216 16.74 -9.61 6.74
N ALA A 217 15.90 -10.53 7.21
CA ALA A 217 14.71 -10.13 7.97
C ALA A 217 15.14 -9.41 9.24
N PRO A 218 14.37 -8.39 9.67
CA PRO A 218 14.68 -7.67 10.92
C PRO A 218 14.98 -8.60 12.10
N LEU A 219 14.21 -9.68 12.27
CA LEU A 219 14.40 -10.57 13.41
C LEU A 219 15.47 -11.64 13.14
N ARG A 220 16.01 -11.64 11.92
CA ARG A 220 17.15 -12.48 11.56
C ARG A 220 16.90 -13.96 11.80
N ARG A 221 15.70 -14.40 11.48
CA ARG A 221 15.35 -15.80 11.64
C ARG A 221 14.09 -16.09 10.86
N THR A 222 13.88 -17.36 10.51
CA THR A 222 12.69 -17.75 9.78
C THR A 222 11.52 -17.93 10.74
N THR A 223 10.30 -17.88 10.21
CA THR A 223 9.10 -18.02 11.03
C THR A 223 8.82 -19.49 11.34
N THR A 224 7.89 -19.74 12.25
CA THR A 224 7.51 -21.11 12.59
C THR A 224 6.01 -21.24 12.54
N GLN A 225 5.54 -22.48 12.42
CA GLN A 225 4.11 -22.75 12.47
C GLN A 225 3.51 -22.22 13.76
N GLU A 226 4.28 -22.30 14.85
CA GLU A 226 3.80 -21.86 16.17
C GLU A 226 3.68 -20.33 16.28
N GLU A 227 4.58 -19.59 15.63
CA GLU A 227 4.45 -18.13 15.60
C GLU A 227 3.17 -17.72 14.87
N VAL A 228 2.88 -18.42 13.78
CA VAL A 228 1.65 -18.17 13.05
C VAL A 228 0.44 -18.56 13.90
N GLY A 229 0.51 -19.74 14.51
CA GLY A 229 -0.54 -20.22 15.40
C GLY A 229 -0.87 -19.26 16.54
N ASP A 230 0.15 -18.67 17.14
CA ASP A 230 -0.08 -17.75 18.27
C ASP A 230 -0.69 -16.42 17.82
N THR A 231 -0.37 -15.98 16.60
CA THR A 231 -1.07 -14.83 16.06
C THR A 231 -2.52 -15.19 15.73
N ALA A 232 -2.77 -16.44 15.32
CA ALA A 232 -4.15 -16.88 15.11
C ALA A 232 -4.92 -16.85 16.43
N VAL A 233 -4.27 -17.26 17.51
CA VAL A 233 -4.92 -17.20 18.83
C VAL A 233 -5.49 -15.80 19.07
N PHE A 234 -4.66 -14.79 18.84
CA PHE A 234 -5.10 -13.41 19.01
C PHE A 234 -6.32 -13.08 18.14
N LEU A 235 -6.23 -13.37 16.85
CA LEU A 235 -7.29 -12.99 15.92
C LEU A 235 -8.60 -13.70 16.22
N PHE A 236 -8.52 -14.93 16.71
CA PHE A 236 -9.73 -15.69 17.05
C PHE A 236 -10.30 -15.29 18.42
N SER A 237 -9.53 -14.55 19.22
CA SER A 237 -9.94 -14.23 20.58
C SER A 237 -10.70 -12.91 20.67
N ASP A 238 -11.27 -12.64 21.84
CA ASP A 238 -11.97 -11.38 22.06
C ASP A 238 -10.99 -10.19 22.05
N LEU A 239 -9.70 -10.43 22.21
CA LEU A 239 -8.72 -9.33 22.17
C LEU A 239 -8.76 -8.61 20.82
N ALA A 240 -9.11 -9.35 19.75
CA ALA A 240 -9.09 -8.81 18.40
C ALA A 240 -10.47 -8.40 17.93
N ARG A 241 -11.38 -8.13 18.87
CA ARG A 241 -12.76 -7.82 18.49
C ARG A 241 -12.91 -6.53 17.67
N GLY A 242 -11.89 -5.67 17.68
CA GLY A 242 -11.97 -4.48 16.86
C GLY A 242 -11.23 -4.58 15.53
N VAL A 243 -10.68 -5.76 15.26
CA VAL A 243 -9.81 -5.99 14.09
C VAL A 243 -10.52 -6.82 13.01
N THR A 244 -10.75 -6.23 11.85
CA THR A 244 -11.30 -6.98 10.72
C THR A 244 -10.83 -6.41 9.39
N GLY A 245 -10.77 -7.26 8.37
CA GLY A 245 -10.23 -6.84 7.08
C GLY A 245 -8.73 -6.56 7.16
N GLU A 246 -8.05 -7.19 8.11
CA GLU A 246 -6.63 -6.93 8.34
C GLU A 246 -5.78 -8.08 7.81
N ASN A 247 -4.54 -7.79 7.50
CA ASN A 247 -3.56 -8.78 7.07
C ASN A 247 -2.34 -8.59 7.97
N ILE A 248 -2.14 -9.51 8.90
CA ILE A 248 -1.01 -9.39 9.82
C ILE A 248 0.15 -10.21 9.30
N HIS A 249 1.29 -9.56 9.08
CA HIS A 249 2.46 -10.27 8.60
C HIS A 249 3.16 -10.96 9.77
N VAL A 250 3.27 -12.28 9.71
CA VAL A 250 4.04 -13.03 10.68
C VAL A 250 5.24 -13.60 9.94
N ASP A 251 6.28 -12.79 9.80
CA ASP A 251 7.31 -13.06 8.84
C ASP A 251 8.66 -12.51 9.27
N SER A 252 8.84 -12.38 10.58
CA SER A 252 10.09 -11.83 11.15
C SER A 252 10.41 -10.41 10.63
N GLY A 253 9.39 -9.71 10.14
CA GLY A 253 9.54 -8.33 9.71
C GLY A 253 9.92 -8.17 8.25
N TYR A 254 10.05 -9.28 7.53
CA TYR A 254 10.62 -9.23 6.19
C TYR A 254 9.84 -8.31 5.23
N HIS A 255 8.54 -8.25 5.42
CA HIS A 255 7.65 -7.45 4.57
C HIS A 255 8.00 -5.96 4.50
N ILE A 256 8.70 -5.42 5.49
CA ILE A 256 9.01 -3.98 5.48
C ILE A 256 10.16 -3.61 4.54
N LEU A 257 10.92 -4.61 4.09
CA LEU A 257 12.16 -4.35 3.36
C LEU A 257 11.91 -3.98 1.90
N GLY A 258 12.70 -3.03 1.40
CA GLY A 258 12.62 -2.60 0.01
C GLY A 258 13.77 -3.14 -0.82
N MET B 3 1.96 15.14 -30.77
CA MET B 3 1.07 14.72 -31.85
C MET B 3 1.87 13.96 -32.90
N GLU B 4 3.08 13.58 -32.50
CA GLU B 4 3.90 12.67 -33.26
C GLU B 4 4.71 11.80 -32.30
N LEU B 5 4.25 11.77 -31.05
CA LEU B 5 4.87 10.94 -30.01
C LEU B 5 4.88 9.46 -30.39
N LEU B 6 3.84 9.00 -31.07
CA LEU B 6 3.70 7.59 -31.42
C LEU B 6 3.86 7.34 -32.92
N GLN B 7 4.51 8.28 -33.60
CA GLN B 7 4.79 8.14 -35.03
C GLN B 7 5.56 6.87 -35.34
N GLY B 8 5.09 6.12 -36.33
CA GLY B 8 5.79 4.91 -36.75
C GLY B 8 5.48 3.70 -35.90
N LYS B 9 4.53 3.81 -34.99
CA LYS B 9 4.20 2.70 -34.10
C LYS B 9 2.78 2.22 -34.31
N THR B 10 2.57 0.93 -34.08
CA THR B 10 1.27 0.32 -34.25
C THR B 10 0.84 -0.35 -32.94
N PHE B 11 -0.41 -0.13 -32.55
CA PHE B 11 -0.95 -0.68 -31.31
C PHE B 11 -2.23 -1.43 -31.58
N VAL B 12 -2.42 -2.53 -30.84
CA VAL B 12 -3.68 -3.25 -30.85
C VAL B 12 -4.56 -2.73 -29.72
N VAL B 13 -5.76 -2.27 -30.08
CA VAL B 13 -6.72 -1.80 -29.09
C VAL B 13 -7.84 -2.83 -28.98
N MET B 14 -7.96 -3.44 -27.80
CA MET B 14 -9.01 -4.43 -27.55
C MET B 14 -10.05 -3.88 -26.60
N GLY B 15 -11.32 -4.10 -26.90
CA GLY B 15 -12.38 -3.71 -26.00
C GLY B 15 -13.26 -2.53 -26.42
N VAL B 16 -13.13 -2.05 -27.66
CA VAL B 16 -14.11 -1.09 -28.15
C VAL B 16 -15.46 -1.79 -28.31
N ALA B 17 -16.51 -1.21 -27.74
CA ALA B 17 -17.87 -1.70 -27.95
C ALA B 17 -18.72 -0.61 -28.62
N ASN B 18 -18.60 0.62 -28.12
CA ASN B 18 -19.23 1.78 -28.78
C ASN B 18 -18.41 3.04 -28.54
N GLN B 19 -18.95 4.21 -28.87
CA GLN B 19 -18.19 5.45 -28.82
C GLN B 19 -17.91 5.92 -27.38
N ARG B 20 -18.62 5.35 -26.42
CA ARG B 20 -18.39 5.67 -25.00
C ARG B 20 -17.31 4.78 -24.36
N SER B 21 -16.94 3.69 -25.04
CA SER B 21 -15.91 2.78 -24.53
C SER B 21 -14.63 3.51 -24.17
N ILE B 22 -14.04 3.17 -23.02
CA ILE B 22 -12.78 3.78 -22.68
C ILE B 22 -11.76 3.44 -23.75
N ALA B 23 -11.88 2.24 -24.33
CA ALA B 23 -10.97 1.82 -25.40
C ALA B 23 -11.04 2.77 -26.59
N TRP B 24 -12.22 3.32 -26.85
CA TRP B 24 -12.36 4.24 -27.99
C TRP B 24 -11.69 5.58 -27.66
N GLY B 25 -11.78 6.01 -26.40
CA GLY B 25 -11.03 7.17 -25.95
C GLY B 25 -9.53 6.99 -26.12
N ILE B 26 -9.04 5.82 -25.71
CA ILE B 26 -7.63 5.48 -25.93
C ILE B 26 -7.28 5.48 -27.42
N ALA B 27 -8.15 4.89 -28.25
CA ALA B 27 -7.90 4.80 -29.69
C ALA B 27 -7.73 6.20 -30.29
N ARG B 28 -8.62 7.10 -29.91
CA ARG B 28 -8.55 8.49 -30.41
C ARG B 28 -7.26 9.20 -29.99
N SER B 29 -6.89 9.10 -28.72
CA SER B 29 -5.66 9.73 -28.26
C SER B 29 -4.43 9.14 -28.94
N LEU B 30 -4.39 7.81 -29.08
CA LEU B 30 -3.27 7.16 -29.76
C LEU B 30 -3.17 7.64 -31.21
N HIS B 31 -4.30 7.65 -31.88
CA HIS B 31 -4.37 8.11 -33.27
C HIS B 31 -3.86 9.54 -33.37
N ASN B 32 -4.36 10.40 -32.48
CA ASN B 32 -3.94 11.80 -32.50
C ASN B 32 -2.44 11.96 -32.22
N ALA B 33 -1.83 10.97 -31.56
CA ALA B 33 -0.38 11.02 -31.33
C ALA B 33 0.41 10.35 -32.43
N GLY B 34 -0.26 9.99 -33.52
CA GLY B 34 0.42 9.50 -34.70
C GLY B 34 0.47 7.99 -34.88
N ALA B 35 -0.20 7.26 -34.01
CA ALA B 35 -0.18 5.79 -34.05
C ALA B 35 -1.05 5.22 -35.14
N LYS B 36 -0.66 4.06 -35.66
CA LYS B 36 -1.55 3.21 -36.43
C LYS B 36 -2.21 2.24 -35.46
N LEU B 37 -3.44 1.86 -35.75
CA LEU B 37 -4.24 1.06 -34.82
C LEU B 37 -4.80 -0.20 -35.47
N ILE B 38 -4.78 -1.28 -34.69
CA ILE B 38 -5.51 -2.50 -34.99
C ILE B 38 -6.58 -2.68 -33.92
N PHE B 39 -7.81 -2.94 -34.34
CA PHE B 39 -8.90 -3.14 -33.38
C PHE B 39 -9.32 -4.60 -33.29
N THR B 40 -9.65 -5.06 -32.09
CA THR B 40 -10.29 -6.35 -31.94
C THR B 40 -11.65 -6.18 -31.28
N TYR B 41 -12.61 -7.00 -31.69
CA TYR B 41 -13.96 -6.95 -31.12
C TYR B 41 -14.34 -8.31 -30.57
N ALA B 42 -15.20 -8.32 -29.56
CA ALA B 42 -15.53 -9.52 -28.80
C ALA B 42 -16.26 -10.60 -29.61
N GLY B 43 -17.20 -10.18 -30.44
CA GLY B 43 -18.07 -11.11 -31.16
C GLY B 43 -18.86 -10.40 -32.25
N GLU B 44 -19.59 -11.18 -33.04
CA GLU B 44 -20.29 -10.68 -34.23
C GLU B 44 -21.22 -9.50 -33.94
N ARG B 45 -21.87 -9.54 -32.78
CA ARG B 45 -22.82 -8.50 -32.37
C ARG B 45 -22.20 -7.10 -32.43
N LEU B 46 -20.89 -7.00 -32.19
CA LEU B 46 -20.23 -5.70 -32.02
C LEU B 46 -19.38 -5.30 -33.22
N GLU B 47 -19.31 -6.19 -34.21
CA GLU B 47 -18.40 -6.03 -35.34
C GLU B 47 -18.68 -4.75 -36.12
N ARG B 48 -19.94 -4.43 -36.40
CA ARG B 48 -20.18 -3.24 -37.23
C ARG B 48 -19.92 -1.94 -36.46
N ASN B 49 -20.26 -1.89 -35.17
CA ASN B 49 -19.91 -0.74 -34.32
C ASN B 49 -18.43 -0.40 -34.41
N VAL B 50 -17.61 -1.44 -34.26
CA VAL B 50 -16.17 -1.25 -34.21
C VAL B 50 -15.62 -0.89 -35.60
N ARG B 51 -16.12 -1.54 -36.64
CA ARG B 51 -15.63 -1.20 -37.98
C ARG B 51 -16.03 0.24 -38.34
N GLU B 52 -17.25 0.62 -38.01
CA GLU B 52 -17.70 1.98 -38.28
C GLU B 52 -16.87 3.02 -37.54
N LEU B 53 -16.59 2.79 -36.26
CA LEU B 53 -15.76 3.73 -35.51
C LEU B 53 -14.35 3.80 -36.09
N ALA B 54 -13.75 2.64 -36.35
CA ALA B 54 -12.40 2.59 -36.91
C ALA B 54 -12.31 3.40 -38.21
N ASP B 55 -13.38 3.37 -39.00
CA ASP B 55 -13.41 4.09 -40.28
C ASP B 55 -13.47 5.60 -40.13
N THR B 56 -13.92 6.10 -38.98
CA THR B 56 -14.00 7.55 -38.76
C THR B 56 -12.64 8.17 -38.53
N LEU B 57 -11.62 7.33 -38.36
CA LEU B 57 -10.26 7.83 -38.27
C LEU B 57 -9.76 8.18 -39.67
N GLU B 58 -9.08 9.31 -39.81
CA GLU B 58 -8.52 9.64 -41.12
C GLU B 58 -7.16 8.97 -41.29
N GLY B 59 -6.86 8.59 -42.52
CA GLY B 59 -5.65 7.84 -42.81
C GLY B 59 -6.02 6.47 -43.36
N GLN B 60 -5.04 5.56 -43.38
CA GLN B 60 -5.26 4.21 -43.87
C GLN B 60 -6.32 3.48 -43.05
N GLU B 61 -7.02 2.58 -43.71
CA GLU B 61 -8.09 1.80 -43.09
C GLU B 61 -7.48 0.87 -42.03
N SER B 62 -8.08 0.86 -40.84
CA SER B 62 -7.57 0.02 -39.75
C SER B 62 -8.05 -1.42 -39.87
N LEU B 63 -7.14 -2.35 -39.64
CA LEU B 63 -7.48 -3.75 -39.49
C LEU B 63 -8.39 -3.94 -38.28
N VAL B 64 -9.47 -4.69 -38.46
CA VAL B 64 -10.45 -4.96 -37.41
C VAL B 64 -10.71 -6.47 -37.35
N LEU B 65 -10.37 -7.09 -36.21
CA LEU B 65 -10.41 -8.56 -36.10
C LEU B 65 -11.25 -9.08 -34.94
N PRO B 66 -11.89 -10.24 -35.11
CA PRO B 66 -12.62 -10.82 -33.98
C PRO B 66 -11.64 -11.41 -32.96
N CYS B 67 -11.92 -11.25 -31.66
CA CYS B 67 -11.07 -11.89 -30.65
C CYS B 67 -11.81 -12.03 -29.35
N ASP B 68 -12.45 -13.18 -29.18
CA ASP B 68 -13.05 -13.54 -27.91
C ASP B 68 -11.94 -14.09 -27.00
N VAL B 69 -11.59 -13.35 -25.95
CA VAL B 69 -10.46 -13.75 -25.11
C VAL B 69 -10.72 -14.97 -24.24
N THR B 70 -11.93 -15.51 -24.25
CA THR B 70 -12.17 -16.77 -23.57
C THR B 70 -11.80 -17.94 -24.49
N ASN B 71 -11.46 -17.64 -25.75
CA ASN B 71 -11.23 -18.69 -26.75
C ASN B 71 -9.76 -18.69 -27.20
N ASP B 72 -8.99 -19.66 -26.72
CA ASP B 72 -7.55 -19.74 -27.04
C ASP B 72 -7.29 -19.85 -28.56
N GLU B 73 -8.12 -20.62 -29.26
CA GLU B 73 -7.94 -20.79 -30.71
C GLU B 73 -8.06 -19.44 -31.44
N GLU B 74 -9.10 -18.68 -31.11
CA GLU B 74 -9.33 -17.39 -31.75
C GLU B 74 -8.24 -16.36 -31.34
N LEU B 75 -7.83 -16.39 -30.08
CA LEU B 75 -6.78 -15.49 -29.62
C LEU B 75 -5.48 -15.74 -30.35
N THR B 76 -5.11 -17.01 -30.45
CA THR B 76 -3.90 -17.39 -31.17
C THR B 76 -3.98 -16.96 -32.65
N ALA B 77 -5.09 -17.27 -33.30
CA ALA B 77 -5.30 -16.92 -34.71
C ALA B 77 -5.27 -15.40 -34.93
N CYS B 78 -5.89 -14.66 -34.02
CA CYS B 78 -5.92 -13.22 -34.12
C CYS B 78 -4.50 -12.64 -34.17
N PHE B 79 -3.64 -13.01 -33.22
CA PHE B 79 -2.30 -12.42 -33.22
C PHE B 79 -1.36 -13.03 -34.28
N GLU B 80 -1.70 -14.21 -34.79
CA GLU B 80 -0.95 -14.77 -35.91
C GLU B 80 -1.21 -13.92 -37.17
N THR B 81 -2.48 -13.61 -37.40
CA THR B 81 -2.86 -12.71 -38.48
C THR B 81 -2.14 -11.36 -38.38
N ILE B 82 -2.14 -10.79 -37.18
CA ILE B 82 -1.51 -9.50 -36.95
C ILE B 82 -0.03 -9.56 -37.29
N LYS B 83 0.67 -10.57 -36.80
CA LYS B 83 2.10 -10.74 -37.04
C LYS B 83 2.42 -10.80 -38.54
N GLN B 84 1.58 -11.50 -39.28
CA GLN B 84 1.86 -11.71 -40.70
C GLN B 84 1.51 -10.48 -41.51
N GLU B 85 0.43 -9.81 -41.15
CA GLU B 85 -0.03 -8.63 -41.90
C GLU B 85 0.76 -7.35 -41.62
N VAL B 86 1.15 -7.10 -40.36
CA VAL B 86 1.91 -5.88 -40.07
C VAL B 86 3.35 -6.13 -39.63
N GLY B 87 3.68 -7.34 -39.20
CA GLY B 87 5.07 -7.65 -38.90
C GLY B 87 5.59 -7.34 -37.50
N THR B 88 5.34 -6.12 -37.04
CA THR B 88 5.76 -5.67 -35.71
C THR B 88 4.65 -4.80 -35.14
N ILE B 89 4.31 -5.00 -33.86
CA ILE B 89 3.49 -4.03 -33.14
C ILE B 89 4.28 -3.55 -31.93
N HIS B 90 3.84 -2.44 -31.34
CA HIS B 90 4.60 -1.84 -30.24
C HIS B 90 3.80 -1.79 -28.95
N GLY B 91 2.62 -2.40 -28.97
CA GLY B 91 1.85 -2.56 -27.75
C GLY B 91 0.41 -2.98 -27.92
N VAL B 92 -0.24 -3.23 -26.79
CA VAL B 92 -1.62 -3.65 -26.74
C VAL B 92 -2.34 -2.90 -25.63
N ALA B 93 -3.53 -2.36 -25.93
CA ALA B 93 -4.39 -1.83 -24.88
C ALA B 93 -5.49 -2.83 -24.60
N HIS B 94 -5.43 -3.45 -23.42
CA HIS B 94 -6.38 -4.45 -22.98
C HIS B 94 -7.47 -3.76 -22.15
N CYS B 95 -8.66 -3.61 -22.73
CA CYS B 95 -9.78 -2.90 -22.10
C CYS B 95 -11.00 -3.79 -22.02
N ILE B 96 -10.86 -4.88 -21.26
CA ILE B 96 -11.82 -5.95 -21.29
C ILE B 96 -12.16 -6.41 -19.88
N ALA B 97 -13.45 -6.51 -19.57
CA ALA B 97 -13.87 -7.12 -18.32
C ALA B 97 -15.29 -7.60 -18.47
N PHE B 98 -15.67 -8.55 -17.63
CA PHE B 98 -17.05 -9.01 -17.57
C PHE B 98 -17.30 -9.67 -16.23
N ALA B 99 -18.52 -9.52 -15.72
CA ALA B 99 -18.99 -10.28 -14.56
C ALA B 99 -20.51 -10.41 -14.68
N ASN B 100 -21.09 -11.47 -14.13
CA ASN B 100 -22.55 -11.64 -14.16
C ASN B 100 -23.22 -10.58 -13.28
N ARG B 101 -24.30 -10.00 -13.79
CA ARG B 101 -24.93 -8.91 -13.06
C ARG B 101 -25.54 -9.39 -11.74
N ASP B 102 -25.93 -10.65 -11.67
CA ASP B 102 -26.48 -11.20 -10.44
C ASP B 102 -25.42 -11.27 -9.33
N ASP B 103 -24.16 -11.46 -9.72
CA ASP B 103 -23.09 -11.49 -8.75
C ASP B 103 -22.81 -10.08 -8.25
N LEU B 104 -22.90 -9.11 -9.15
CA LEU B 104 -22.65 -7.71 -8.81
C LEU B 104 -23.70 -7.13 -7.87
N LYS B 105 -24.93 -7.64 -7.94
CA LYS B 105 -26.03 -7.07 -7.14
C LYS B 105 -26.06 -7.63 -5.72
N GLY B 106 -25.91 -8.94 -5.58
CA GLY B 106 -25.93 -9.56 -4.26
C GLY B 106 -24.78 -9.14 -3.37
N GLU B 107 -24.77 -9.62 -2.13
CA GLU B 107 -23.62 -9.51 -1.25
C GLU B 107 -22.45 -10.34 -1.80
N PHE B 108 -21.23 -9.94 -1.50
CA PHE B 108 -20.07 -10.64 -2.03
C PHE B 108 -20.04 -12.08 -1.55
N VAL B 109 -20.47 -12.32 -0.31
CA VAL B 109 -20.41 -13.67 0.26
C VAL B 109 -21.33 -14.64 -0.52
N ASP B 110 -22.28 -14.10 -1.27
CA ASP B 110 -23.22 -14.93 -2.04
C ASP B 110 -22.81 -15.09 -3.51
N THR B 111 -21.60 -14.66 -3.85
CA THR B 111 -21.09 -14.82 -5.22
C THR B 111 -21.10 -16.29 -5.62
N SER B 112 -21.61 -16.60 -6.81
CA SER B 112 -21.55 -17.97 -7.32
C SER B 112 -20.12 -18.36 -7.73
N ARG B 113 -19.81 -19.64 -7.59
CA ARG B 113 -18.50 -20.15 -7.98
C ARG B 113 -18.25 -19.91 -9.47
N ASP B 114 -19.23 -20.28 -10.30
CA ASP B 114 -19.09 -20.13 -11.74
C ASP B 114 -18.95 -18.66 -12.12
N GLY B 115 -19.71 -17.79 -11.46
CA GLY B 115 -19.60 -16.37 -11.73
C GLY B 115 -18.26 -15.77 -11.32
N PHE B 116 -17.74 -16.23 -10.19
CA PHE B 116 -16.41 -15.81 -9.73
C PHE B 116 -15.35 -16.19 -10.77
N LEU B 117 -15.38 -17.43 -11.22
CA LEU B 117 -14.35 -17.92 -12.14
C LEU B 117 -14.47 -17.27 -13.52
N LEU B 118 -15.71 -17.02 -13.94
CA LEU B 118 -15.93 -16.33 -15.21
C LEU B 118 -15.36 -14.90 -15.16
N ALA B 119 -15.62 -14.18 -14.07
CA ALA B 119 -15.06 -12.85 -13.89
C ALA B 119 -13.53 -12.87 -13.89
N GLN B 120 -12.95 -13.85 -13.20
CA GLN B 120 -11.49 -14.02 -13.20
C GLN B 120 -10.93 -14.29 -14.59
N ASN B 121 -11.63 -15.16 -15.30
CA ASN B 121 -11.23 -15.60 -16.64
C ASN B 121 -11.18 -14.39 -17.57
N ILE B 122 -12.30 -13.68 -17.70
CA ILE B 122 -12.36 -12.56 -18.65
C ILE B 122 -11.63 -11.31 -18.16
N SER B 123 -11.82 -10.94 -16.89
CA SER B 123 -11.29 -9.65 -16.42
C SER B 123 -9.84 -9.69 -15.96
N ALA B 124 -9.31 -10.88 -15.66
CA ALA B 124 -7.92 -10.95 -15.19
C ALA B 124 -7.03 -11.86 -16.03
N PHE B 125 -7.41 -13.13 -16.19
CA PHE B 125 -6.54 -14.05 -16.92
C PHE B 125 -6.31 -13.61 -18.37
N SER B 126 -7.32 -13.00 -18.99
CA SER B 126 -7.21 -12.61 -20.39
C SER B 126 -6.03 -11.68 -20.64
N LEU B 127 -5.62 -10.87 -19.66
CA LEU B 127 -4.43 -10.04 -19.84
C LEU B 127 -3.21 -10.91 -20.10
N THR B 128 -3.07 -11.96 -19.32
CA THR B 128 -1.93 -12.89 -19.49
C THR B 128 -2.02 -13.65 -20.82
N ALA B 129 -3.20 -14.14 -21.16
CA ALA B 129 -3.36 -14.84 -22.43
C ALA B 129 -2.99 -13.92 -23.60
N VAL B 130 -3.42 -12.67 -23.52
CA VAL B 130 -3.09 -11.69 -24.55
C VAL B 130 -1.60 -11.39 -24.58
N ALA B 131 -0.99 -11.17 -23.41
CA ALA B 131 0.43 -10.88 -23.35
C ALA B 131 1.24 -12.01 -23.97
N ARG B 132 0.82 -13.24 -23.72
CA ARG B 132 1.55 -14.38 -24.25
C ARG B 132 1.62 -14.36 -25.79
N GLU B 133 0.51 -14.01 -26.43
CA GLU B 133 0.47 -13.90 -27.89
C GLU B 133 1.11 -12.59 -28.37
N ALA B 134 0.86 -11.49 -27.66
CA ALA B 134 1.43 -10.19 -28.06
C ALA B 134 2.95 -10.16 -28.02
N LYS B 135 3.52 -10.87 -27.05
CA LYS B 135 4.96 -10.96 -26.87
C LYS B 135 5.68 -11.34 -28.17
N LYS B 136 5.07 -12.23 -28.94
CA LYS B 136 5.66 -12.73 -30.18
C LYS B 136 5.78 -11.66 -31.26
N VAL B 137 4.91 -10.66 -31.21
CA VAL B 137 4.82 -9.65 -32.26
C VAL B 137 5.49 -8.34 -31.86
N MET B 138 5.79 -8.17 -30.58
CA MET B 138 6.46 -6.97 -30.10
C MET B 138 7.97 -7.14 -30.14
N THR B 139 8.49 -7.30 -31.35
CA THR B 139 9.89 -7.68 -31.54
C THR B 139 10.87 -6.57 -31.18
N GLU B 140 10.37 -5.35 -31.05
CA GLU B 140 11.24 -4.28 -30.61
C GLU B 140 10.82 -3.75 -29.23
N GLY B 141 10.02 -4.53 -28.52
CA GLY B 141 9.56 -4.13 -27.21
C GLY B 141 8.40 -3.17 -27.30
N GLY B 142 8.04 -2.57 -26.17
CA GLY B 142 6.90 -1.69 -26.12
C GLY B 142 6.14 -1.86 -24.81
N ASN B 143 4.85 -1.57 -24.83
CA ASN B 143 4.07 -1.52 -23.58
C ASN B 143 2.75 -2.27 -23.71
N ILE B 144 2.39 -3.03 -22.68
CA ILE B 144 1.06 -3.58 -22.61
C ILE B 144 0.30 -2.85 -21.50
N LEU B 145 -0.91 -2.38 -21.80
CA LEU B 145 -1.69 -1.57 -20.86
C LEU B 145 -2.98 -2.28 -20.52
N THR B 146 -3.43 -2.20 -19.27
CA THR B 146 -4.77 -2.67 -18.95
C THR B 146 -5.48 -1.60 -18.12
N LEU B 147 -6.79 -1.77 -17.96
CA LEU B 147 -7.61 -0.83 -17.20
C LEU B 147 -8.10 -1.48 -15.92
N THR B 148 -7.88 -0.80 -14.79
CA THR B 148 -8.37 -1.32 -13.52
C THR B 148 -9.17 -0.24 -12.80
N TYR B 149 -9.59 -0.54 -11.56
CA TYR B 149 -10.46 0.36 -10.82
C TYR B 149 -10.10 0.29 -9.36
N LEU B 150 -10.38 1.37 -8.62
CA LEU B 150 -10.05 1.45 -7.20
C LEU B 150 -10.59 0.26 -6.41
N GLY B 151 -11.72 -0.29 -6.88
CA GLY B 151 -12.33 -1.44 -6.24
C GLY B 151 -11.46 -2.69 -6.16
N GLY B 152 -10.35 -2.70 -6.91
CA GLY B 152 -9.41 -3.80 -6.81
C GLY B 152 -8.40 -3.62 -5.68
N GLU B 153 -8.32 -2.41 -5.13
CA GLU B 153 -7.42 -2.08 -4.02
C GLU B 153 -8.15 -1.98 -2.70
N ARG B 154 -9.35 -1.41 -2.74
CA ARG B 154 -10.15 -1.22 -1.53
C ARG B 154 -11.62 -1.52 -1.83
N VAL B 155 -12.43 -1.63 -0.78
CA VAL B 155 -13.81 -2.05 -0.96
C VAL B 155 -14.68 -0.90 -1.45
N VAL B 156 -15.21 -1.03 -2.66
CA VAL B 156 -16.17 -0.03 -3.12
C VAL B 156 -17.52 -0.69 -3.30
N LYS B 157 -18.59 0.02 -2.96
CA LYS B 157 -19.93 -0.58 -2.97
C LYS B 157 -20.35 -1.04 -4.37
N ASN B 158 -21.05 -2.16 -4.43
CA ASN B 158 -21.63 -2.70 -5.67
C ASN B 158 -20.59 -3.09 -6.69
N TYR B 159 -19.38 -3.40 -6.23
CA TYR B 159 -18.35 -3.81 -7.17
C TYR B 159 -17.98 -5.28 -6.92
N ASN B 160 -17.98 -5.68 -5.65
CA ASN B 160 -17.95 -7.08 -5.24
C ASN B 160 -17.02 -7.98 -6.08
N VAL B 161 -17.60 -8.92 -6.82
CA VAL B 161 -16.79 -9.90 -7.54
C VAL B 161 -15.81 -9.24 -8.52
N MET B 162 -16.18 -8.09 -9.07
CA MET B 162 -15.28 -7.43 -10.02
C MET B 162 -14.09 -6.83 -9.28
N GLY B 163 -14.28 -6.45 -8.02
CA GLY B 163 -13.19 -5.92 -7.24
C GLY B 163 -12.11 -6.98 -7.05
N VAL B 164 -12.55 -8.18 -6.73
CA VAL B 164 -11.62 -9.29 -6.55
C VAL B 164 -10.95 -9.67 -7.88
N ALA B 165 -11.69 -9.56 -8.98
CA ALA B 165 -11.07 -9.81 -10.29
C ALA B 165 -10.04 -8.73 -10.61
N LYS B 166 -10.30 -7.49 -10.22
CA LYS B 166 -9.34 -6.42 -10.49
C LYS B 166 -8.09 -6.56 -9.62
N ALA B 167 -8.25 -7.14 -8.43
CA ALA B 167 -7.08 -7.40 -7.60
C ALA B 167 -6.17 -8.42 -8.31
N SER B 168 -6.79 -9.43 -8.92
CA SER B 168 -6.03 -10.43 -9.70
C SER B 168 -5.36 -9.77 -10.88
N LEU B 169 -6.09 -8.90 -11.55
CA LEU B 169 -5.54 -8.18 -12.69
C LEU B 169 -4.33 -7.34 -12.28
N GLU B 170 -4.45 -6.60 -11.18
CA GLU B 170 -3.34 -5.73 -10.78
C GLU B 170 -2.12 -6.56 -10.36
N ALA B 171 -2.34 -7.69 -9.71
CA ALA B 171 -1.21 -8.56 -9.41
C ALA B 171 -0.61 -9.15 -10.69
N SER B 172 -1.46 -9.49 -11.65
CA SER B 172 -0.98 -10.03 -12.92
C SER B 172 -0.07 -9.02 -13.64
N VAL B 173 -0.47 -7.74 -13.61
CA VAL B 173 0.35 -6.65 -14.17
C VAL B 173 1.76 -6.70 -13.60
N LYS B 174 1.89 -6.89 -12.30
CA LYS B 174 3.20 -6.96 -11.66
C LYS B 174 3.97 -8.21 -12.09
N TYR B 175 3.35 -9.38 -12.03
CA TYR B 175 4.09 -10.60 -12.43
C TYR B 175 4.44 -10.59 -13.93
N LEU B 176 3.56 -10.05 -14.76
CA LEU B 176 3.88 -9.93 -16.19
C LEU B 176 5.02 -8.93 -16.43
N ALA B 177 5.01 -7.81 -15.71
CA ALA B 177 6.07 -6.81 -15.83
C ALA B 177 7.41 -7.45 -15.52
N ASN B 178 7.43 -8.27 -14.47
CA ASN B 178 8.66 -8.91 -14.04
C ASN B 178 9.15 -9.93 -15.04
N ASP B 179 8.20 -10.55 -15.71
CA ASP B 179 8.49 -11.56 -16.70
C ASP B 179 9.02 -10.97 -18.01
N LEU B 180 8.31 -9.97 -18.51
CA LEU B 180 8.51 -9.49 -19.87
C LEU B 180 9.51 -8.34 -19.98
N GLY B 181 9.90 -7.77 -18.85
CA GLY B 181 10.83 -6.65 -18.86
C GLY B 181 12.16 -6.97 -19.55
N GLN B 182 12.64 -8.18 -19.38
CA GLN B 182 13.92 -8.55 -19.98
C GLN B 182 13.81 -8.62 -21.51
N HIS B 183 12.58 -8.69 -22.02
CA HIS B 183 12.36 -8.64 -23.46
C HIS B 183 12.04 -7.23 -23.94
N GLY B 184 12.23 -6.24 -23.07
CA GLY B 184 11.95 -4.86 -23.40
C GLY B 184 10.46 -4.56 -23.45
N ILE B 185 9.66 -5.43 -22.84
CA ILE B 185 8.22 -5.18 -22.79
C ILE B 185 7.79 -4.71 -21.40
N ARG B 186 7.16 -3.54 -21.36
CA ARG B 186 6.63 -2.95 -20.14
C ARG B 186 5.17 -3.31 -19.98
N VAL B 187 4.69 -3.41 -18.74
CA VAL B 187 3.30 -3.76 -18.49
C VAL B 187 2.78 -2.83 -17.40
N ASN B 188 1.70 -2.11 -17.69
CA ASN B 188 1.20 -1.10 -16.76
C ASN B 188 -0.31 -1.07 -16.73
N ALA B 189 -0.86 -0.47 -15.69
CA ALA B 189 -2.30 -0.28 -15.59
C ALA B 189 -2.63 1.20 -15.43
N ILE B 190 -3.82 1.55 -15.89
CA ILE B 190 -4.44 2.82 -15.55
C ILE B 190 -5.64 2.50 -14.69
N SER B 191 -5.71 3.11 -13.50
CA SER B 191 -6.86 2.95 -12.63
C SER B 191 -7.77 4.14 -12.89
N ALA B 192 -8.79 3.93 -13.70
CA ALA B 192 -9.67 5.04 -14.09
C ALA B 192 -10.75 5.26 -13.04
N GLY B 193 -11.09 6.52 -12.80
CA GLY B 193 -12.27 6.85 -12.02
C GLY B 193 -13.52 6.53 -12.83
N PRO B 194 -14.69 6.56 -12.19
CA PRO B 194 -15.96 6.17 -12.83
C PRO B 194 -16.27 7.01 -14.07
N ILE B 195 -16.67 6.31 -15.13
CA ILE B 195 -17.03 6.90 -16.41
C ILE B 195 -18.27 6.19 -16.94
N ARG B 196 -19.24 6.95 -17.43
CA ARG B 196 -20.44 6.34 -17.99
C ARG B 196 -20.15 5.60 -19.28
N THR B 197 -20.15 4.28 -19.19
CA THR B 197 -19.95 3.45 -20.36
C THR B 197 -21.07 2.43 -20.42
N LEU B 198 -21.10 1.65 -21.49
CA LEU B 198 -22.05 0.57 -21.63
C LEU B 198 -22.03 -0.34 -20.40
N SER B 199 -20.84 -0.59 -19.87
CA SER B 199 -20.70 -1.56 -18.79
C SER B 199 -20.93 -0.93 -17.41
N ALA B 200 -21.01 0.39 -17.35
CA ALA B 200 -21.22 1.09 -16.08
C ALA B 200 -22.62 0.80 -15.53
N LYS B 201 -23.50 0.34 -16.41
CA LYS B 201 -24.88 0.04 -16.02
C LYS B 201 -24.95 -1.16 -15.08
N GLY B 202 -23.88 -1.95 -15.05
CA GLY B 202 -23.81 -3.08 -14.14
C GLY B 202 -23.60 -2.68 -12.70
N VAL B 203 -23.04 -1.49 -12.48
CA VAL B 203 -22.79 -0.98 -11.14
C VAL B 203 -23.98 -0.12 -10.68
N GLY B 204 -24.50 -0.42 -9.50
CA GLY B 204 -25.73 0.21 -9.00
C GLY B 204 -25.63 1.68 -8.64
N ASP B 205 -26.70 2.42 -8.93
CA ASP B 205 -26.81 3.88 -8.75
C ASP B 205 -25.52 4.61 -9.13
N PHE B 206 -25.26 4.66 -10.42
CA PHE B 206 -24.00 5.16 -10.93
C PHE B 206 -23.94 6.67 -10.78
N ASN B 207 -25.11 7.26 -10.64
CA ASN B 207 -25.19 8.70 -10.57
C ASN B 207 -24.84 9.29 -9.23
N SER B 208 -25.13 8.54 -8.18
CA SER B 208 -24.69 8.88 -6.86
C SER B 208 -23.16 8.83 -6.82
N ILE B 209 -22.60 7.78 -7.42
CA ILE B 209 -21.15 7.62 -7.48
C ILE B 209 -20.47 8.79 -8.18
N LEU B 210 -21.00 9.19 -9.34
CA LEU B 210 -20.47 10.32 -10.06
C LEU B 210 -20.53 11.62 -9.25
N ARG B 211 -21.64 11.82 -8.55
CA ARG B 211 -21.82 13.05 -7.78
C ARG B 211 -20.84 13.09 -6.62
N GLU B 212 -20.58 11.92 -6.05
CA GLU B 212 -19.61 11.80 -4.98
C GLU B 212 -18.20 12.19 -5.44
N ILE B 213 -17.83 11.79 -6.65
CA ILE B 213 -16.53 12.18 -7.20
C ILE B 213 -16.46 13.71 -7.34
N GLU B 214 -17.49 14.29 -7.96
CA GLU B 214 -17.55 15.74 -8.13
C GLU B 214 -17.42 16.50 -6.81
N GLU B 215 -18.11 16.01 -5.77
CA GLU B 215 -18.11 16.63 -4.45
C GLU B 215 -16.76 16.53 -3.74
N ARG B 216 -16.14 15.35 -3.78
CA ARG B 216 -15.05 15.01 -2.88
C ARG B 216 -13.66 14.87 -3.52
N ALA B 217 -13.60 14.51 -4.79
CA ALA B 217 -12.30 14.34 -5.43
C ALA B 217 -11.54 15.66 -5.44
N PRO B 218 -10.21 15.62 -5.25
CA PRO B 218 -9.37 16.81 -5.25
C PRO B 218 -9.62 17.75 -6.44
N LEU B 219 -9.77 17.21 -7.64
CA LEU B 219 -9.98 18.06 -8.81
C LEU B 219 -11.44 18.43 -8.98
N ARG B 220 -12.30 17.91 -8.11
CA ARG B 220 -13.71 18.28 -8.05
C ARG B 220 -14.48 18.09 -9.37
N ARG B 221 -14.16 17.02 -10.08
CA ARG B 221 -14.80 16.72 -11.36
C ARG B 221 -14.56 15.25 -11.67
N THR B 222 -15.43 14.67 -12.48
CA THR B 222 -15.31 13.26 -12.84
C THR B 222 -14.31 13.10 -13.99
N THR B 223 -13.84 11.89 -14.22
CA THR B 223 -12.82 11.71 -15.22
C THR B 223 -13.45 11.47 -16.61
N THR B 224 -12.65 11.57 -17.67
CA THR B 224 -13.15 11.36 -19.02
C THR B 224 -12.34 10.29 -19.75
N GLN B 225 -12.94 9.77 -20.82
CA GLN B 225 -12.25 8.81 -21.68
C GLN B 225 -10.96 9.42 -22.22
N GLU B 226 -11.02 10.72 -22.53
CA GLU B 226 -9.87 11.44 -23.09
C GLU B 226 -8.73 11.60 -22.10
N GLU B 227 -9.07 11.82 -20.83
CA GLU B 227 -8.06 11.85 -19.78
C GLU B 227 -7.34 10.48 -19.66
N VAL B 228 -8.10 9.40 -19.78
CA VAL B 228 -7.50 8.07 -19.72
C VAL B 228 -6.66 7.83 -20.97
N GLY B 229 -7.21 8.18 -22.14
CA GLY B 229 -6.47 8.03 -23.39
C GLY B 229 -5.16 8.80 -23.44
N ASP B 230 -5.14 10.01 -22.87
CA ASP B 230 -3.92 10.81 -22.91
C ASP B 230 -2.86 10.26 -21.96
N THR B 231 -3.29 9.60 -20.90
CA THR B 231 -2.35 8.92 -20.02
C THR B 231 -1.84 7.65 -20.73
N ALA B 232 -2.73 6.99 -21.49
CA ALA B 232 -2.33 5.83 -22.29
C ALA B 232 -1.28 6.25 -23.31
N VAL B 233 -1.45 7.42 -23.93
CA VAL B 233 -0.43 7.95 -24.84
C VAL B 233 0.95 8.03 -24.18
N PHE B 234 1.00 8.57 -22.95
CA PHE B 234 2.28 8.60 -22.24
C PHE B 234 2.84 7.19 -22.05
N LEU B 235 2.03 6.27 -21.53
CA LEU B 235 2.51 4.92 -21.20
C LEU B 235 2.99 4.14 -22.43
N PHE B 236 2.34 4.36 -23.57
CA PHE B 236 2.76 3.67 -24.81
C PHE B 236 3.97 4.34 -25.48
N SER B 237 4.30 5.56 -25.06
CA SER B 237 5.39 6.35 -25.69
C SER B 237 6.76 6.07 -25.07
N ASP B 238 7.81 6.54 -25.73
CA ASP B 238 9.15 6.35 -25.18
C ASP B 238 9.43 7.22 -23.96
N LEU B 239 8.50 8.14 -23.64
CA LEU B 239 8.63 8.96 -22.43
C LEU B 239 8.51 8.10 -21.18
N ALA B 240 7.79 6.99 -21.31
CA ALA B 240 7.52 6.09 -20.19
C ALA B 240 8.47 4.89 -20.16
N ARG B 241 9.61 4.99 -20.84
CA ARG B 241 10.47 3.81 -21.03
C ARG B 241 11.07 3.30 -19.71
N GLY B 242 10.99 4.11 -18.66
CA GLY B 242 11.49 3.67 -17.37
C GLY B 242 10.37 3.19 -16.45
N VAL B 243 9.14 3.16 -16.95
CA VAL B 243 7.97 2.89 -16.12
C VAL B 243 7.35 1.52 -16.43
N THR B 244 7.41 0.60 -15.47
CA THR B 244 6.78 -0.70 -15.68
C THR B 244 6.26 -1.28 -14.37
N GLY B 245 5.21 -2.07 -14.44
CA GLY B 245 4.58 -2.60 -13.23
C GLY B 245 3.92 -1.51 -12.42
N GLU B 246 3.53 -0.42 -13.08
CA GLU B 246 2.92 0.72 -12.39
C GLU B 246 1.39 0.76 -12.59
N ASN B 247 0.71 1.40 -11.64
CA ASN B 247 -0.73 1.61 -11.71
C ASN B 247 -1.00 3.12 -11.56
N ILE B 248 -1.24 3.81 -12.67
CA ILE B 248 -1.47 5.25 -12.60
C ILE B 248 -2.96 5.55 -12.45
N HIS B 249 -3.32 6.23 -11.36
CA HIS B 249 -4.71 6.57 -11.13
C HIS B 249 -5.10 7.80 -11.94
N VAL B 250 -6.05 7.63 -12.85
CA VAL B 250 -6.60 8.76 -13.58
C VAL B 250 -8.02 8.91 -13.07
N ASP B 251 -8.15 9.59 -11.94
CA ASP B 251 -9.39 9.56 -11.18
C ASP B 251 -9.65 10.87 -10.43
N SER B 252 -9.08 11.96 -10.93
CA SER B 252 -9.21 13.28 -10.29
C SER B 252 -8.68 13.30 -8.86
N GLY B 253 -7.79 12.36 -8.53
CA GLY B 253 -7.14 12.33 -7.23
C GLY B 253 -7.92 11.59 -6.17
N TYR B 254 -9.06 11.02 -6.56
CA TYR B 254 -9.96 10.41 -5.57
C TYR B 254 -9.29 9.35 -4.71
N HIS B 255 -8.36 8.58 -5.32
CA HIS B 255 -7.68 7.49 -4.63
C HIS B 255 -6.92 7.86 -3.35
N ILE B 256 -6.60 9.14 -3.15
CA ILE B 256 -5.83 9.54 -1.95
C ILE B 256 -6.67 9.71 -0.69
N LEU B 257 -7.98 9.76 -0.87
CA LEU B 257 -8.90 10.07 0.24
C LEU B 257 -9.13 8.86 1.15
N GLY B 258 -9.15 9.10 2.45
CA GLY B 258 -9.41 8.04 3.41
C GLY B 258 -10.74 8.18 4.11
N MET C 3 7.31 17.66 -27.54
CA MET C 3 8.08 18.44 -28.53
C MET C 3 7.45 19.83 -28.60
N GLU C 4 6.13 19.86 -28.48
CA GLU C 4 5.39 21.09 -28.34
C GLU C 4 4.38 20.88 -27.23
N LEU C 5 4.54 19.77 -26.50
CA LEU C 5 3.67 19.46 -25.39
C LEU C 5 3.60 20.61 -24.39
N LEU C 6 4.72 21.30 -24.17
CA LEU C 6 4.76 22.34 -23.17
C LEU C 6 4.96 23.74 -23.78
N GLN C 7 4.68 23.86 -25.08
CA GLN C 7 4.88 25.14 -25.77
C GLN C 7 4.12 26.26 -25.07
N GLY C 8 4.81 27.37 -24.85
CA GLY C 8 4.16 28.54 -24.26
C GLY C 8 3.94 28.47 -22.76
N LYS C 9 4.53 27.48 -22.10
CA LYS C 9 4.40 27.37 -20.66
C LYS C 9 5.74 27.54 -19.95
N THR C 10 5.68 28.11 -18.75
CA THR C 10 6.87 28.42 -17.97
C THR C 10 6.88 27.62 -16.68
N PHE C 11 8.03 27.01 -16.38
CA PHE C 11 8.17 26.21 -15.16
C PHE C 11 9.37 26.65 -14.33
N VAL C 12 9.22 26.56 -13.02
CA VAL C 12 10.33 26.80 -12.12
C VAL C 12 11.00 25.48 -11.74
N VAL C 13 12.29 25.37 -12.03
CA VAL C 13 13.06 24.19 -11.67
C VAL C 13 13.95 24.49 -10.48
N MET C 14 13.68 23.83 -9.35
CA MET C 14 14.48 24.04 -8.13
C MET C 14 15.31 22.80 -7.86
N GLY C 15 16.57 22.99 -7.49
CA GLY C 15 17.38 21.87 -7.12
C GLY C 15 18.46 21.44 -8.09
N VAL C 16 18.71 22.24 -9.12
CA VAL C 16 19.89 21.96 -9.93
C VAL C 16 21.15 22.28 -9.12
N ALA C 17 22.11 21.35 -9.10
CA ALA C 17 23.40 21.61 -8.48
C ALA C 17 24.50 21.49 -9.52
N ASN C 18 24.42 20.44 -10.34
CA ASN C 18 25.30 20.31 -11.49
C ASN C 18 24.56 19.53 -12.58
N GLN C 19 25.27 19.13 -13.63
CA GLN C 19 24.55 18.56 -14.76
C GLN C 19 24.23 17.08 -14.56
N ARG C 20 24.64 16.52 -13.42
CA ARG C 20 24.22 15.17 -13.04
C ARG C 20 22.94 15.22 -12.19
N SER C 21 22.55 16.42 -11.77
CA SER C 21 21.35 16.59 -10.94
C SER C 21 20.13 16.08 -11.67
N ILE C 22 19.22 15.42 -10.94
CA ILE C 22 17.99 14.97 -11.57
C ILE C 22 17.21 16.17 -12.09
N ALA C 23 17.24 17.29 -11.35
CA ALA C 23 16.59 18.51 -11.79
C ALA C 23 17.11 18.99 -13.15
N TRP C 24 18.38 18.71 -13.45
CA TRP C 24 18.92 19.11 -14.74
C TRP C 24 18.39 18.19 -15.85
N GLY C 25 18.20 16.90 -15.56
CA GLY C 25 17.54 16.03 -16.51
C GLY C 25 16.12 16.50 -16.76
N ILE C 26 15.45 16.94 -15.72
CA ILE C 26 14.11 17.48 -15.86
C ILE C 26 14.12 18.76 -16.72
N ALA C 27 15.02 19.70 -16.42
CA ALA C 27 15.12 20.92 -17.20
C ALA C 27 15.32 20.64 -18.70
N ARG C 28 16.20 19.70 -19.02
CA ARG C 28 16.46 19.37 -20.43
C ARG C 28 15.22 18.83 -21.11
N SER C 29 14.49 17.94 -20.44
CA SER C 29 13.29 17.35 -21.04
C SER C 29 12.19 18.39 -21.24
N LEU C 30 12.00 19.26 -20.25
CA LEU C 30 11.00 20.32 -20.36
C LEU C 30 11.35 21.27 -21.52
N HIS C 31 12.63 21.60 -21.62
CA HIS C 31 13.12 22.46 -22.69
C HIS C 31 12.81 21.85 -24.04
N ASN C 32 13.07 20.56 -24.17
CA ASN C 32 12.84 19.86 -25.43
C ASN C 32 11.36 19.73 -25.76
N ALA C 33 10.51 19.89 -24.75
CA ALA C 33 9.06 19.87 -24.96
C ALA C 33 8.51 21.28 -25.17
N GLY C 34 9.40 22.26 -25.28
CA GLY C 34 9.02 23.62 -25.63
C GLY C 34 8.81 24.55 -24.46
N ALA C 35 9.18 24.14 -23.25
CA ALA C 35 8.95 24.99 -22.08
C ALA C 35 9.96 26.12 -21.94
N LYS C 36 9.50 27.22 -21.35
CA LYS C 36 10.41 28.24 -20.83
C LYS C 36 10.72 27.92 -19.37
N LEU C 37 11.97 28.12 -18.96
CA LEU C 37 12.39 27.72 -17.62
C LEU C 37 12.96 28.85 -16.77
N ILE C 38 12.56 28.84 -15.50
CA ILE C 38 13.17 29.66 -14.46
C ILE C 38 13.93 28.74 -13.50
N PHE C 39 15.13 29.13 -13.08
CA PHE C 39 15.92 28.28 -12.17
C PHE C 39 16.14 28.94 -10.80
N THR C 40 16.16 28.13 -9.74
CA THR C 40 16.60 28.61 -8.44
C THR C 40 17.81 27.81 -8.00
N TYR C 41 18.67 28.41 -7.17
CA TYR C 41 19.84 27.73 -6.63
C TYR C 41 19.88 27.90 -5.10
N ALA C 42 20.47 26.94 -4.41
CA ALA C 42 20.40 26.91 -2.95
C ALA C 42 21.16 28.07 -2.30
N GLY C 43 22.42 28.25 -2.67
CA GLY C 43 23.21 29.35 -2.15
C GLY C 43 24.31 29.78 -3.11
N GLU C 44 25.24 30.59 -2.63
CA GLU C 44 26.25 31.16 -3.52
C GLU C 44 27.22 30.12 -4.06
N ARG C 45 27.40 29.02 -3.33
CA ARG C 45 28.31 27.95 -3.75
C ARG C 45 27.90 27.32 -5.08
N LEU C 46 26.60 27.34 -5.37
CA LEU C 46 26.09 26.66 -6.56
C LEU C 46 25.56 27.63 -7.61
N GLU C 47 25.59 28.92 -7.29
CA GLU C 47 25.09 29.96 -8.19
C GLU C 47 25.70 29.89 -9.59
N ARG C 48 27.01 29.71 -9.67
CA ARG C 48 27.69 29.74 -10.95
C ARG C 48 27.28 28.55 -11.82
N ASN C 49 27.30 27.36 -11.23
CA ASN C 49 26.84 26.15 -11.90
C ASN C 49 25.46 26.34 -12.52
N VAL C 50 24.53 26.84 -11.72
CA VAL C 50 23.15 26.96 -12.15
C VAL C 50 22.96 28.05 -13.20
N ARG C 51 23.61 29.20 -13.01
CA ARG C 51 23.53 30.27 -13.99
C ARG C 51 24.08 29.81 -15.35
N GLU C 52 25.20 29.08 -15.33
CA GLU C 52 25.82 28.64 -16.56
C GLU C 52 25.03 27.56 -17.28
N LEU C 53 24.45 26.62 -16.51
CA LEU C 53 23.64 25.59 -17.14
C LEU C 53 22.38 26.23 -17.71
N ALA C 54 21.79 27.14 -16.96
CA ALA C 54 20.60 27.84 -17.42
C ALA C 54 20.88 28.56 -18.73
N ASP C 55 22.09 29.10 -18.82
CA ASP C 55 22.56 29.79 -20.02
C ASP C 55 22.50 28.90 -21.27
N THR C 56 22.86 27.62 -21.12
CA THR C 56 22.87 26.71 -22.26
C THR C 56 21.47 26.48 -22.81
N LEU C 57 20.44 26.65 -21.96
CA LEU C 57 19.07 26.42 -22.41
C LEU C 57 18.29 27.70 -22.73
N GLU C 58 18.54 28.77 -21.98
CA GLU C 58 17.69 29.95 -22.06
C GLU C 58 18.43 31.22 -22.47
N GLY C 59 19.76 31.13 -22.56
CA GLY C 59 20.55 32.30 -22.88
C GLY C 59 20.74 33.16 -21.65
N GLN C 60 21.40 34.30 -21.81
CA GLN C 60 21.70 35.16 -20.66
C GLN C 60 20.48 35.96 -20.19
N GLU C 61 19.41 35.92 -20.97
CA GLU C 61 18.10 36.41 -20.57
C GLU C 61 17.61 35.80 -19.25
N SER C 62 17.81 34.48 -19.13
CA SER C 62 17.11 33.63 -18.15
C SER C 62 17.04 34.18 -16.73
N LEU C 63 15.91 33.89 -16.07
CA LEU C 63 15.74 34.25 -14.68
C LEU C 63 16.32 33.13 -13.81
N VAL C 64 17.36 33.46 -13.05
CA VAL C 64 18.04 32.53 -12.16
C VAL C 64 18.14 33.20 -10.78
N LEU C 65 17.53 32.57 -9.76
CA LEU C 65 17.28 33.24 -8.48
C LEU C 65 17.70 32.45 -7.25
N PRO C 66 18.21 33.13 -6.21
CA PRO C 66 18.58 32.39 -5.00
C PRO C 66 17.33 31.94 -4.25
N CYS C 67 17.33 30.70 -3.76
CA CYS C 67 16.20 30.24 -2.97
C CYS C 67 16.60 29.13 -2.03
N ASP C 68 17.11 29.53 -0.87
CA ASP C 68 17.31 28.63 0.26
C ASP C 68 15.96 28.30 0.89
N VAL C 69 15.47 27.08 0.74
CA VAL C 69 14.11 26.77 1.19
C VAL C 69 13.96 26.73 2.72
N THR C 70 15.05 26.88 3.45
CA THR C 70 14.97 27.06 4.90
C THR C 70 14.71 28.53 5.27
N ASN C 71 14.80 29.42 4.28
CA ASN C 71 14.74 30.86 4.53
C ASN C 71 13.43 31.44 4.04
N ASP C 72 12.48 31.67 4.93
CA ASP C 72 11.13 32.08 4.49
C ASP C 72 11.12 33.42 3.78
N GLU C 73 11.98 34.33 4.24
CA GLU C 73 12.08 35.64 3.62
C GLU C 73 12.55 35.53 2.16
N GLU C 74 13.64 34.80 1.97
CA GLU C 74 14.19 34.58 0.64
C GLU C 74 13.25 33.80 -0.29
N LEU C 75 12.55 32.81 0.26
CA LEU C 75 11.63 32.00 -0.53
C LEU C 75 10.47 32.85 -1.02
N THR C 76 9.94 33.67 -0.13
CA THR C 76 8.84 34.57 -0.48
C THR C 76 9.30 35.60 -1.53
N ALA C 77 10.49 36.13 -1.34
CA ALA C 77 11.06 37.14 -2.24
C ALA C 77 11.26 36.55 -3.63
N CYS C 78 11.71 35.29 -3.66
CA CYS C 78 11.96 34.60 -4.92
C CYS C 78 10.70 34.58 -5.77
N PHE C 79 9.59 34.10 -5.21
CA PHE C 79 8.37 33.97 -5.98
C PHE C 79 7.67 35.30 -6.21
N GLU C 80 8.03 36.30 -5.42
CA GLU C 80 7.54 37.65 -5.66
C GLU C 80 8.25 38.22 -6.88
N THR C 81 9.55 38.01 -6.98
CA THR C 81 10.30 38.36 -8.18
C THR C 81 9.75 37.67 -9.45
N ILE C 82 9.42 36.39 -9.33
CA ILE C 82 8.88 35.64 -10.46
C ILE C 82 7.54 36.25 -10.87
N LYS C 83 6.72 36.59 -9.89
CA LYS C 83 5.43 37.21 -10.19
C LYS C 83 5.57 38.52 -10.97
N GLN C 84 6.53 39.40 -10.65
CA GLN C 84 6.42 40.66 -11.32
C GLN C 84 7.34 40.58 -12.59
N GLU C 85 8.18 39.55 -12.70
CA GLU C 85 8.96 39.36 -13.94
C GLU C 85 8.21 38.63 -15.06
N VAL C 86 7.46 37.58 -14.71
CA VAL C 86 6.77 36.81 -15.75
C VAL C 86 5.27 36.71 -15.52
N GLY C 87 4.81 37.00 -14.30
CA GLY C 87 3.39 37.04 -14.04
C GLY C 87 2.73 35.70 -13.71
N THR C 88 2.77 34.76 -14.64
CA THR C 88 2.13 33.46 -14.44
C THR C 88 3.12 32.35 -14.74
N ILE C 89 3.13 31.32 -13.89
CA ILE C 89 3.86 30.10 -14.21
C ILE C 89 2.88 28.93 -14.22
N HIS C 90 3.29 27.81 -14.80
CA HIS C 90 2.40 26.67 -14.98
C HIS C 90 2.85 25.45 -14.19
N GLY C 91 3.96 25.59 -13.47
CA GLY C 91 4.42 24.51 -12.62
C GLY C 91 5.76 24.74 -11.95
N VAL C 92 6.06 23.88 -10.98
CA VAL C 92 7.31 23.91 -10.26
C VAL C 92 7.84 22.50 -10.13
N ALA C 93 9.12 22.30 -10.41
CA ALA C 93 9.78 21.02 -10.10
C ALA C 93 10.62 21.16 -8.82
N HIS C 94 10.15 20.55 -7.73
CA HIS C 94 10.81 20.58 -6.44
C HIS C 94 11.75 19.39 -6.34
N CYS C 95 13.05 19.63 -6.49
CA CYS C 95 14.05 18.55 -6.50
C CYS C 95 15.08 18.82 -5.40
N ILE C 96 14.63 18.82 -4.16
CA ILE C 96 15.45 19.31 -3.06
C ILE C 96 15.39 18.34 -1.90
N ALA C 97 16.55 17.92 -1.41
CA ALA C 97 16.62 17.14 -0.20
C ALA C 97 17.97 17.32 0.48
N PHE C 98 18.01 17.12 1.79
CA PHE C 98 19.25 17.14 2.53
C PHE C 98 19.09 16.43 3.86
N ALA C 99 20.16 15.75 4.29
CA ALA C 99 20.28 15.22 5.63
C ALA C 99 21.76 15.18 5.95
N ASN C 100 22.10 15.24 7.25
CA ASN C 100 23.48 15.11 7.69
C ASN C 100 24.00 13.71 7.38
N ARG C 101 25.24 13.64 6.89
CA ARG C 101 25.82 12.36 6.51
C ARG C 101 25.96 11.42 7.71
N ASP C 102 26.17 11.95 8.90
CA ASP C 102 26.24 11.13 10.11
C ASP C 102 24.93 10.37 10.36
N ASP C 103 23.81 11.06 10.19
CA ASP C 103 22.49 10.44 10.35
C ASP C 103 22.18 9.42 9.27
N LEU C 104 22.95 9.43 8.19
CA LEU C 104 22.74 8.47 7.12
C LEU C 104 23.60 7.22 7.29
N LYS C 105 24.61 7.27 8.14
CA LYS C 105 25.47 6.10 8.34
C LYS C 105 25.14 5.27 9.60
N GLY C 106 24.99 5.94 10.74
CA GLY C 106 24.64 5.23 11.97
C GLY C 106 23.30 4.51 11.86
N GLU C 107 23.03 3.57 12.76
CA GLU C 107 21.68 2.98 12.90
C GLU C 107 20.65 4.10 12.96
N PHE C 108 19.46 3.89 12.41
CA PHE C 108 18.42 4.92 12.44
C PHE C 108 18.08 5.34 13.88
N VAL C 109 18.12 4.38 14.81
CA VAL C 109 17.79 4.68 16.20
C VAL C 109 18.75 5.73 16.82
N ASP C 110 19.94 5.89 16.24
CA ASP C 110 20.88 6.90 16.72
C ASP C 110 20.76 8.26 16.02
N THR C 111 19.71 8.44 15.21
CA THR C 111 19.50 9.73 14.55
C THR C 111 19.37 10.90 15.54
N SER C 112 20.11 11.98 15.32
CA SER C 112 20.02 13.11 16.23
C SER C 112 18.71 13.85 15.99
N ARG C 113 18.22 14.49 17.04
CA ARG C 113 17.00 15.29 16.95
C ARG C 113 17.16 16.42 15.95
N ASP C 114 18.24 17.19 16.01
CA ASP C 114 18.31 18.31 15.08
C ASP C 114 18.60 17.82 13.66
N GLY C 115 19.26 16.68 13.51
CA GLY C 115 19.44 16.07 12.20
C GLY C 115 18.12 15.59 11.60
N PHE C 116 17.26 15.05 12.45
CA PHE C 116 15.93 14.61 12.00
C PHE C 116 15.09 15.82 11.57
N LEU C 117 15.09 16.87 12.37
CA LEU C 117 14.27 18.02 12.05
C LEU C 117 14.79 18.76 10.81
N LEU C 118 16.12 18.78 10.67
CA LEU C 118 16.77 19.38 9.51
C LEU C 118 16.38 18.65 8.22
N ALA C 119 16.44 17.32 8.26
CA ALA C 119 16.02 16.53 7.09
C ALA C 119 14.55 16.76 6.77
N GLN C 120 13.69 16.83 7.79
CA GLN C 120 12.28 17.11 7.58
C GLN C 120 12.05 18.51 7.00
N ASN C 121 12.80 19.47 7.52
CA ASN C 121 12.64 20.87 7.11
C ASN C 121 12.95 21.03 5.61
N ILE C 122 14.11 20.56 5.21
CA ILE C 122 14.58 20.76 3.84
C ILE C 122 13.94 19.78 2.86
N SER C 123 13.78 18.52 3.26
CA SER C 123 13.34 17.48 2.33
C SER C 123 11.84 17.29 2.23
N ALA C 124 11.09 17.76 3.23
CA ALA C 124 9.65 17.53 3.23
C ALA C 124 8.83 18.82 3.38
N PHE C 125 9.08 19.60 4.44
CA PHE C 125 8.29 20.81 4.62
C PHE C 125 8.49 21.80 3.48
N SER C 126 9.69 21.83 2.90
CA SER C 126 9.99 22.77 1.81
C SER C 126 8.99 22.65 0.65
N LEU C 127 8.47 21.45 0.39
CA LEU C 127 7.49 21.28 -0.66
C LEU C 127 6.25 22.13 -0.38
N THR C 128 5.80 22.11 0.88
CA THR C 128 4.62 22.87 1.28
C THR C 128 4.88 24.38 1.24
N ALA C 129 6.06 24.79 1.69
CA ALA C 129 6.40 26.22 1.73
C ALA C 129 6.52 26.75 0.29
N VAL C 130 7.10 25.92 -0.59
CA VAL C 130 7.19 26.29 -2.01
C VAL C 130 5.79 26.35 -2.64
N ALA C 131 4.94 25.37 -2.35
CA ALA C 131 3.60 25.34 -2.93
C ALA C 131 2.76 26.54 -2.49
N ARG C 132 2.97 26.99 -1.26
CA ARG C 132 2.20 28.11 -0.75
C ARG C 132 2.50 29.41 -1.54
N GLU C 133 3.75 29.56 -1.94
CA GLU C 133 4.16 30.71 -2.76
C GLU C 133 3.79 30.49 -4.23
N ALA C 134 3.98 29.27 -4.71
CA ALA C 134 3.73 28.96 -6.12
C ALA C 134 2.26 29.13 -6.45
N LYS C 135 1.41 28.84 -5.48
CA LYS C 135 -0.03 28.96 -5.61
C LYS C 135 -0.44 30.35 -6.12
N LYS C 136 0.32 31.36 -5.69
CA LYS C 136 -0.02 32.75 -5.98
C LYS C 136 0.25 33.14 -7.44
N VAL C 137 1.16 32.43 -8.09
CA VAL C 137 1.56 32.73 -9.46
C VAL C 137 1.11 31.66 -10.48
N MET C 138 0.39 30.65 -9.99
CA MET C 138 -0.12 29.60 -10.88
C MET C 138 -1.60 29.82 -11.12
N THR C 139 -1.92 30.99 -11.65
CA THR C 139 -3.30 31.44 -11.77
C THR C 139 -4.08 30.71 -12.86
N GLU C 140 -3.37 30.05 -13.78
CA GLU C 140 -4.05 29.27 -14.81
C GLU C 140 -4.02 27.78 -14.46
N GLY C 141 -3.55 27.47 -13.25
CA GLY C 141 -3.45 26.08 -12.83
C GLY C 141 -2.13 25.47 -13.27
N GLY C 142 -1.98 24.16 -13.09
CA GLY C 142 -0.76 23.50 -13.47
C GLY C 142 -0.39 22.38 -12.51
N ASN C 143 0.89 22.08 -12.42
CA ASN C 143 1.34 20.92 -11.67
C ASN C 143 2.56 21.23 -10.80
N ILE C 144 2.55 20.75 -9.57
CA ILE C 144 3.75 20.79 -8.74
C ILE C 144 4.32 19.37 -8.61
N LEU C 145 5.60 19.24 -8.91
CA LEU C 145 6.26 17.93 -8.92
C LEU C 145 7.33 17.85 -7.84
N THR C 146 7.41 16.72 -7.16
CA THR C 146 8.57 16.48 -6.30
C THR C 146 9.18 15.11 -6.60
N LEU C 147 10.39 14.89 -6.12
CA LEU C 147 11.07 13.61 -6.31
C LEU C 147 11.20 12.87 -4.99
N THR C 148 10.82 11.61 -4.99
CA THR C 148 10.95 10.78 -3.80
C THR C 148 11.67 9.50 -4.15
N TYR C 149 11.76 8.60 -3.19
CA TYR C 149 12.54 7.37 -3.36
C TYR C 149 11.82 6.22 -2.65
N LEU C 150 12.01 5.00 -3.14
CA LEU C 150 11.39 3.82 -2.54
C LEU C 150 11.59 3.74 -1.02
N GLY C 151 12.69 4.32 -0.53
CA GLY C 151 12.99 4.34 0.90
C GLY C 151 11.96 5.07 1.74
N GLY C 152 11.10 5.86 1.11
CA GLY C 152 9.99 6.49 1.83
C GLY C 152 8.80 5.56 2.05
N GLU C 153 8.80 4.43 1.33
CA GLU C 153 7.72 3.45 1.40
C GLU C 153 8.14 2.19 2.16
N ARG C 154 9.37 1.77 1.95
CA ARG C 154 9.87 0.56 2.58
C ARG C 154 11.31 0.79 2.98
N VAL C 155 11.85 -0.12 3.78
CA VAL C 155 13.17 0.09 4.36
C VAL C 155 14.28 -0.23 3.36
N VAL C 156 15.07 0.78 3.00
CA VAL C 156 16.22 0.51 2.14
C VAL C 156 17.49 0.85 2.92
N LYS C 157 18.53 0.04 2.74
CA LYS C 157 19.72 0.18 3.56
C LYS C 157 20.42 1.54 3.37
N ASN C 158 20.98 2.05 4.46
CA ASN C 158 21.74 3.30 4.47
C ASN C 158 20.97 4.53 4.03
N TYR C 159 19.65 4.53 4.25
CA TYR C 159 18.83 5.67 3.85
C TYR C 159 18.22 6.33 5.08
N ASN C 160 17.87 5.51 6.07
CA ASN C 160 17.54 5.94 7.43
C ASN C 160 16.69 7.21 7.53
N VAL C 161 17.28 8.29 8.05
CA VAL C 161 16.50 9.49 8.29
C VAL C 161 15.89 10.04 6.99
N MET C 162 16.52 9.80 5.84
CA MET C 162 15.96 10.32 4.59
C MET C 162 14.72 9.54 4.19
N GLY C 163 14.67 8.27 4.55
CA GLY C 163 13.48 7.46 4.29
C GLY C 163 12.29 8.03 5.01
N VAL C 164 12.49 8.42 6.26
CA VAL C 164 11.40 8.97 7.07
C VAL C 164 11.01 10.36 6.52
N ALA C 165 11.99 11.13 6.06
CA ALA C 165 11.69 12.42 5.43
C ALA C 165 10.93 12.23 4.10
N LYS C 166 11.26 11.19 3.32
CA LYS C 166 10.48 10.94 2.09
C LYS C 166 9.05 10.44 2.40
N ALA C 167 8.87 9.72 3.49
CA ALA C 167 7.50 9.36 3.89
C ALA C 167 6.69 10.63 4.17
N SER C 168 7.28 11.57 4.88
CA SER C 168 6.64 12.88 5.09
C SER C 168 6.35 13.61 3.79
N LEU C 169 7.33 13.65 2.91
CA LEU C 169 7.17 14.26 1.59
C LEU C 169 6.00 13.63 0.84
N GLU C 170 5.94 12.30 0.81
CA GLU C 170 4.89 11.61 0.08
C GLU C 170 3.52 11.85 0.67
N ALA C 171 3.41 11.90 2.00
CA ALA C 171 2.14 12.25 2.61
C ALA C 171 1.80 13.71 2.28
N SER C 172 2.80 14.58 2.26
CA SER C 172 2.55 15.99 1.94
C SER C 172 2.02 16.15 0.52
N VAL C 173 2.52 15.34 -0.40
CA VAL C 173 2.00 15.36 -1.77
C VAL C 173 0.51 15.11 -1.78
N LYS C 174 0.05 14.13 -0.98
CA LYS C 174 -1.37 13.81 -0.91
C LYS C 174 -2.20 14.93 -0.28
N TYR C 175 -1.78 15.43 0.87
CA TYR C 175 -2.54 16.52 1.51
C TYR C 175 -2.52 17.80 0.66
N LEU C 176 -1.40 18.09 0.01
CA LEU C 176 -1.34 19.25 -0.88
C LEU C 176 -2.25 19.10 -2.10
N ALA C 177 -2.27 17.89 -2.66
CA ALA C 177 -3.13 17.62 -3.81
C ALA C 177 -4.59 17.86 -3.45
N ASN C 178 -4.96 17.40 -2.26
CA ASN C 178 -6.33 17.57 -1.78
C ASN C 178 -6.68 19.04 -1.58
N ASP C 179 -5.70 19.85 -1.17
CA ASP C 179 -5.88 21.30 -0.98
C ASP C 179 -6.01 22.07 -2.28
N LEU C 180 -5.04 21.84 -3.18
CA LEU C 180 -4.83 22.72 -4.31
C LEU C 180 -5.62 22.33 -5.55
N GLY C 181 -6.15 21.11 -5.58
CA GLY C 181 -6.91 20.65 -6.73
C GLY C 181 -8.10 21.52 -7.09
N GLN C 182 -8.75 22.08 -6.08
CA GLN C 182 -9.91 22.95 -6.31
C GLN C 182 -9.51 24.27 -6.97
N HIS C 183 -8.21 24.56 -6.94
CA HIS C 183 -7.65 25.74 -7.60
C HIS C 183 -7.00 25.36 -8.93
N GLY C 184 -7.28 24.16 -9.42
CA GLY C 184 -6.71 23.69 -10.66
C GLY C 184 -5.23 23.33 -10.63
N ILE C 185 -4.69 23.12 -9.43
CA ILE C 185 -3.28 22.79 -9.30
C ILE C 185 -3.14 21.32 -8.89
N ARG C 186 -2.40 20.55 -9.68
CA ARG C 186 -2.14 19.13 -9.39
C ARG C 186 -0.81 19.01 -8.65
N VAL C 187 -0.69 17.99 -7.81
CA VAL C 187 0.54 17.75 -7.06
C VAL C 187 0.90 16.27 -7.14
N ASN C 188 2.10 15.97 -7.60
CA ASN C 188 2.50 14.59 -7.87
C ASN C 188 3.95 14.37 -7.54
N ALA C 189 4.32 13.11 -7.40
CA ALA C 189 5.71 12.74 -7.17
C ALA C 189 6.19 11.77 -8.25
N ILE C 190 7.49 11.82 -8.51
CA ILE C 190 8.16 10.74 -9.23
C ILE C 190 9.08 10.06 -8.23
N SER C 191 8.95 8.76 -8.11
CA SER C 191 9.84 7.97 -7.29
C SER C 191 10.92 7.39 -8.21
N ALA C 192 12.09 8.02 -8.23
CA ALA C 192 13.16 7.62 -9.13
C ALA C 192 13.97 6.47 -8.55
N GLY C 193 14.46 5.58 -9.41
CA GLY C 193 15.41 4.57 -8.97
C GLY C 193 16.75 5.25 -8.75
N PRO C 194 17.72 4.52 -8.17
CA PRO C 194 19.03 5.09 -7.87
C PRO C 194 19.74 5.63 -9.10
N ILE C 195 20.26 6.85 -8.98
CA ILE C 195 21.02 7.52 -10.02
C ILE C 195 22.26 8.18 -9.41
N ARG C 196 23.41 8.01 -10.06
CA ARG C 196 24.65 8.60 -9.57
C ARG C 196 24.62 10.12 -9.70
N THR C 197 24.30 10.79 -8.60
CA THR C 197 24.28 12.25 -8.56
C THR C 197 25.26 12.75 -7.50
N LEU C 198 25.34 14.07 -7.33
CA LEU C 198 26.16 14.65 -6.30
C LEU C 198 25.82 14.11 -4.90
N SER C 199 24.51 13.98 -4.64
CA SER C 199 24.05 13.62 -3.32
C SER C 199 24.04 12.10 -3.08
N ALA C 200 24.28 11.33 -4.14
CA ALA C 200 24.32 9.87 -4.02
C ALA C 200 25.54 9.42 -3.21
N LYS C 201 26.55 10.28 -3.12
CA LYS C 201 27.75 9.98 -2.35
C LYS C 201 27.41 9.77 -0.87
N GLY C 202 26.37 10.46 -0.41
CA GLY C 202 25.85 10.30 0.94
C GLY C 202 25.41 8.88 1.28
N VAL C 203 24.96 8.13 0.27
CA VAL C 203 24.51 6.76 0.46
C VAL C 203 25.64 5.75 0.15
N GLY C 204 25.98 4.91 1.13
CA GLY C 204 27.12 4.00 1.03
C GLY C 204 27.02 2.89 -0.01
N ASP C 205 28.18 2.36 -0.40
CA ASP C 205 28.35 1.36 -1.47
C ASP C 205 27.32 1.44 -2.61
N PHE C 206 27.30 2.60 -3.25
CA PHE C 206 26.32 2.90 -4.29
C PHE C 206 26.49 2.01 -5.52
N ASN C 207 27.73 1.65 -5.85
CA ASN C 207 27.97 0.76 -6.99
C ASN C 207 27.27 -0.59 -6.80
N SER C 208 27.26 -1.06 -5.56
CA SER C 208 26.57 -2.28 -5.20
C SER C 208 25.06 -2.15 -5.41
N ILE C 209 24.49 -1.03 -4.97
CA ILE C 209 23.08 -0.74 -5.17
C ILE C 209 22.70 -0.73 -6.65
N LEU C 210 23.52 -0.07 -7.47
CA LEU C 210 23.28 -0.04 -8.92
C LEU C 210 23.33 -1.42 -9.55
N ARG C 211 24.28 -2.24 -9.13
CA ARG C 211 24.39 -3.60 -9.67
C ARG C 211 23.16 -4.43 -9.32
N GLU C 212 22.64 -4.21 -8.11
CA GLU C 212 21.41 -4.85 -7.66
C GLU C 212 20.24 -4.56 -8.61
N ILE C 213 20.06 -3.28 -8.94
CA ILE C 213 19.03 -2.87 -9.90
C ILE C 213 19.23 -3.54 -11.25
N GLU C 214 20.47 -3.52 -11.75
CA GLU C 214 20.76 -4.13 -13.05
C GLU C 214 20.44 -5.61 -13.09
N GLU C 215 20.74 -6.32 -12.00
CA GLU C 215 20.49 -7.76 -11.93
C GLU C 215 19.01 -8.10 -11.83
N ARG C 216 18.30 -7.36 -10.98
CA ARG C 216 17.00 -7.82 -10.51
C ARG C 216 15.80 -7.01 -11.00
N ALA C 217 16.00 -5.74 -11.35
CA ALA C 217 14.85 -4.93 -11.79
C ALA C 217 14.26 -5.57 -13.03
N PRO C 218 12.93 -5.48 -13.21
CA PRO C 218 12.29 -6.02 -14.41
C PRO C 218 12.93 -5.60 -15.74
N LEU C 219 13.34 -4.35 -15.88
CA LEU C 219 13.91 -3.87 -17.14
C LEU C 219 15.42 -4.09 -17.20
N ARG C 220 15.99 -4.61 -16.12
CA ARG C 220 17.39 -5.05 -16.08
C ARG C 220 18.38 -3.96 -16.43
N ARG C 221 18.11 -2.75 -15.95
CA ARG C 221 18.97 -1.61 -16.20
C ARG C 221 18.62 -0.54 -15.19
N THR C 222 19.58 0.34 -14.92
CA THR C 222 19.36 1.39 -13.96
C THR C 222 18.68 2.54 -14.66
N THR C 223 18.06 3.43 -13.90
CA THR C 223 17.27 4.49 -14.50
C THR C 223 18.19 5.67 -14.82
N THR C 224 17.71 6.64 -15.58
CA THR C 224 18.54 7.81 -15.88
C THR C 224 17.82 9.11 -15.62
N GLN C 225 18.57 10.20 -15.58
CA GLN C 225 17.97 11.51 -15.37
C GLN C 225 16.96 11.83 -16.49
N GLU C 226 17.23 11.33 -17.70
CA GLU C 226 16.36 11.62 -18.83
C GLU C 226 15.04 10.87 -18.76
N GLU C 227 15.09 9.64 -18.25
CA GLU C 227 13.86 8.88 -18.04
C GLU C 227 12.98 9.59 -17.03
N VAL C 228 13.59 10.18 -16.00
CA VAL C 228 12.83 10.93 -15.01
C VAL C 228 12.27 12.23 -15.64
N GLY C 229 13.11 12.96 -16.36
CA GLY C 229 12.69 14.18 -17.03
C GLY C 229 11.51 13.94 -17.97
N ASP C 230 11.55 12.85 -18.72
CA ASP C 230 10.46 12.58 -19.66
C ASP C 230 9.15 12.23 -18.97
N THR C 231 9.21 11.60 -17.81
CA THR C 231 7.98 11.39 -17.04
C THR C 231 7.49 12.74 -16.46
N ALA C 232 8.45 13.61 -16.12
CA ALA C 232 8.10 14.95 -15.65
C ALA C 232 7.34 15.74 -16.74
N VAL C 233 7.81 15.61 -18.00
CA VAL C 233 7.11 16.24 -19.13
C VAL C 233 5.65 15.83 -19.17
N PHE C 234 5.42 14.52 -19.06
CA PHE C 234 4.05 14.04 -18.96
C PHE C 234 3.27 14.71 -17.82
N LEU C 235 3.79 14.67 -16.60
CA LEU C 235 3.05 15.19 -15.43
C LEU C 235 2.80 16.71 -15.51
N PHE C 236 3.72 17.44 -16.13
CA PHE C 236 3.52 18.88 -16.34
C PHE C 236 2.60 19.23 -17.51
N SER C 237 2.37 18.27 -18.40
CA SER C 237 1.58 18.50 -19.61
C SER C 237 0.08 18.32 -19.39
N ASP C 238 -0.70 18.73 -20.38
CA ASP C 238 -2.13 18.59 -20.34
C ASP C 238 -2.55 17.11 -20.40
N LEU C 239 -1.66 16.24 -20.84
CA LEU C 239 -1.96 14.80 -20.91
C LEU C 239 -2.29 14.24 -19.53
N ALA C 240 -1.70 14.84 -18.50
CA ALA C 240 -1.85 14.37 -17.12
C ALA C 240 -2.91 15.15 -16.33
N ARG C 241 -3.79 15.85 -17.03
CA ARG C 241 -4.75 16.73 -16.35
C ARG C 241 -5.70 15.98 -15.41
N GLY C 242 -5.82 14.67 -15.57
CA GLY C 242 -6.62 13.87 -14.65
C GLY C 242 -5.84 13.23 -13.50
N VAL C 243 -4.53 13.50 -13.45
CA VAL C 243 -3.64 12.82 -12.51
C VAL C 243 -3.15 13.75 -11.39
N THR C 244 -3.55 13.47 -10.15
CA THR C 244 -3.02 14.24 -9.04
C THR C 244 -2.93 13.36 -7.79
N GLY C 245 -2.02 13.74 -6.89
CA GLY C 245 -1.76 12.96 -5.69
C GLY C 245 -1.15 11.60 -6.02
N GLU C 246 -0.49 11.50 -7.17
CA GLU C 246 0.06 10.23 -7.60
C GLU C 246 1.56 10.19 -7.37
N ASN C 247 2.09 8.98 -7.23
CA ASN C 247 3.52 8.74 -7.11
C ASN C 247 3.93 7.76 -8.22
N ILE C 248 4.57 8.25 -9.29
CA ILE C 248 4.94 7.37 -10.40
C ILE C 248 6.37 6.88 -10.25
N HIS C 249 6.54 5.55 -10.18
CA HIS C 249 7.88 4.98 -10.05
C HIS C 249 8.57 4.93 -11.39
N VAL C 250 9.69 5.63 -11.49
CA VAL C 250 10.55 5.57 -12.66
C VAL C 250 11.83 4.89 -12.22
N ASP C 251 11.78 3.56 -12.15
CA ASP C 251 12.79 2.80 -11.44
C ASP C 251 13.00 1.42 -12.06
N SER C 252 12.75 1.31 -13.36
CA SER C 252 12.89 0.07 -14.12
C SER C 252 12.04 -1.07 -13.56
N GLY C 253 10.97 -0.72 -12.85
CA GLY C 253 10.08 -1.70 -12.27
C GLY C 253 10.48 -2.24 -10.90
N TYR C 254 11.59 -1.75 -10.34
CA TYR C 254 12.13 -2.39 -9.14
C TYR C 254 11.13 -2.42 -7.97
N HIS C 255 10.32 -1.37 -7.84
CA HIS C 255 9.34 -1.26 -6.76
C HIS C 255 8.35 -2.44 -6.64
N ILE C 256 8.16 -3.25 -7.69
CA ILE C 256 7.16 -4.33 -7.60
C ILE C 256 7.68 -5.57 -6.90
N LEU C 257 8.99 -5.63 -6.68
CA LEU C 257 9.62 -6.84 -6.19
C LEU C 257 9.50 -7.01 -4.70
N GLY C 258 9.27 -8.24 -4.28
CA GLY C 258 9.33 -8.57 -2.86
C GLY C 258 10.45 -9.57 -2.68
N MET D 3 -4.99 -13.70 31.41
CA MET D 3 -4.72 -12.85 32.58
C MET D 3 -3.36 -13.16 33.18
N GLU D 4 -2.53 -13.86 32.41
CA GLU D 4 -1.16 -14.12 32.81
C GLU D 4 -0.22 -14.06 31.63
N LEU D 5 -0.71 -13.57 30.49
CA LEU D 5 0.14 -13.42 29.31
C LEU D 5 1.40 -12.62 29.62
N LEU D 6 1.25 -11.59 30.45
CA LEU D 6 2.35 -10.66 30.69
C LEU D 6 2.92 -10.75 32.09
N GLN D 7 2.67 -11.85 32.78
CA GLN D 7 3.14 -12.02 34.15
C GLN D 7 4.67 -11.94 34.21
N GLY D 8 5.18 -11.20 35.17
CA GLY D 8 6.61 -11.08 35.35
C GLY D 8 7.25 -10.03 34.46
N LYS D 9 6.44 -9.35 33.66
CA LYS D 9 6.99 -8.34 32.76
C LYS D 9 6.61 -6.91 33.16
N THR D 10 7.51 -5.97 32.86
CA THR D 10 7.32 -4.56 33.20
C THR D 10 7.34 -3.69 31.95
N PHE D 11 6.34 -2.83 31.81
CA PHE D 11 6.20 -1.95 30.64
C PHE D 11 6.10 -0.49 31.05
N VAL D 12 6.70 0.39 30.25
CA VAL D 12 6.58 1.82 30.47
C VAL D 12 5.45 2.31 29.58
N VAL D 13 4.46 2.95 30.18
CA VAL D 13 3.35 3.51 29.44
C VAL D 13 3.49 5.04 29.41
N MET D 14 3.71 5.60 28.23
CA MET D 14 3.89 7.05 28.07
C MET D 14 2.68 7.67 27.40
N GLY D 15 2.09 8.69 28.02
CA GLY D 15 1.01 9.39 27.36
C GLY D 15 -0.37 9.34 28.00
N VAL D 16 -0.47 8.85 29.24
CA VAL D 16 -1.73 9.01 29.95
C VAL D 16 -1.89 10.50 30.27
N ALA D 17 -3.06 11.06 29.95
CA ALA D 17 -3.42 12.41 30.37
C ALA D 17 -4.69 12.41 31.24
N ASN D 18 -5.67 11.58 30.90
CA ASN D 18 -6.83 11.36 31.78
C ASN D 18 -7.46 10.00 31.52
N GLN D 19 -8.65 9.76 32.06
CA GLN D 19 -9.26 8.42 32.01
C GLN D 19 -9.67 8.01 30.59
N ARG D 20 -9.79 8.98 29.70
CA ARG D 20 -10.16 8.69 28.31
C ARG D 20 -8.94 8.49 27.40
N SER D 21 -7.74 8.74 27.91
CA SER D 21 -6.53 8.53 27.11
C SER D 21 -6.47 7.10 26.59
N ILE D 22 -6.08 6.94 25.34
CA ILE D 22 -5.86 5.58 24.82
C ILE D 22 -4.78 4.87 25.65
N ALA D 23 -3.77 5.63 26.09
CA ALA D 23 -2.73 5.05 26.92
C ALA D 23 -3.31 4.42 28.19
N TRP D 24 -4.42 4.97 28.67
CA TRP D 24 -5.00 4.43 29.92
C TRP D 24 -5.78 3.15 29.60
N GLY D 25 -6.33 3.06 28.40
CA GLY D 25 -6.89 1.80 27.93
C GLY D 25 -5.80 0.74 27.86
N ILE D 26 -4.67 1.10 27.26
CA ILE D 26 -3.54 0.18 27.19
C ILE D 26 -3.06 -0.24 28.60
N ALA D 27 -2.90 0.74 29.51
CA ALA D 27 -2.44 0.39 30.86
C ALA D 27 -3.39 -0.62 31.57
N ARG D 28 -4.69 -0.40 31.49
CA ARG D 28 -5.66 -1.30 32.12
C ARG D 28 -5.58 -2.71 31.54
N SER D 29 -5.46 -2.81 30.21
CA SER D 29 -5.35 -4.13 29.56
C SER D 29 -4.07 -4.84 29.95
N LEU D 30 -2.97 -4.10 29.97
CA LEU D 30 -1.69 -4.72 30.31
C LEU D 30 -1.71 -5.20 31.76
N HIS D 31 -2.24 -4.37 32.64
CA HIS D 31 -2.38 -4.75 34.05
C HIS D 31 -3.21 -6.02 34.22
N ASN D 32 -4.40 -6.03 33.62
CA ASN D 32 -5.26 -7.22 33.64
C ASN D 32 -4.56 -8.48 33.12
N ALA D 33 -3.54 -8.30 32.28
CA ALA D 33 -2.79 -9.42 31.74
C ALA D 33 -1.57 -9.74 32.59
N GLY D 34 -1.47 -9.11 33.75
CA GLY D 34 -0.44 -9.47 34.70
C GLY D 34 0.83 -8.61 34.68
N ALA D 35 0.83 -7.55 33.88
CA ALA D 35 2.02 -6.71 33.76
C ALA D 35 2.20 -5.79 34.98
N LYS D 36 3.46 -5.51 35.31
CA LYS D 36 3.84 -4.38 36.16
C LYS D 36 4.06 -3.18 35.25
N LEU D 37 3.67 -1.99 35.71
CA LEU D 37 3.66 -0.80 34.88
C LEU D 37 4.46 0.37 35.47
N ILE D 38 5.06 1.16 34.59
CA ILE D 38 5.67 2.45 34.92
C ILE D 38 5.00 3.50 34.04
N PHE D 39 4.61 4.63 34.64
CA PHE D 39 3.93 5.69 33.88
C PHE D 39 4.80 6.93 33.75
N THR D 40 4.82 7.54 32.56
CA THR D 40 5.41 8.86 32.42
C THR D 40 4.35 9.88 32.00
N TYR D 41 4.52 11.13 32.44
CA TYR D 41 3.53 12.17 32.16
C TYR D 41 4.25 13.43 31.63
N ALA D 42 3.53 14.25 30.86
CA ALA D 42 4.16 15.30 30.05
C ALA D 42 4.71 16.44 30.88
N GLY D 43 3.95 16.89 31.88
CA GLY D 43 4.39 17.96 32.77
C GLY D 43 3.53 18.09 34.01
N GLU D 44 3.84 19.07 34.85
CA GLU D 44 3.22 19.19 36.18
C GLU D 44 1.68 19.21 36.17
N ARG D 45 1.10 19.78 35.13
CA ARG D 45 -0.37 19.86 35.03
C ARG D 45 -1.09 18.49 34.93
N LEU D 46 -0.37 17.46 34.49
CA LEU D 46 -0.97 16.14 34.31
C LEU D 46 -0.62 15.16 35.42
N GLU D 47 0.31 15.58 36.28
CA GLU D 47 0.84 14.71 37.31
C GLU D 47 -0.25 14.11 38.20
N ARG D 48 -1.20 14.95 38.62
CA ARG D 48 -2.27 14.52 39.53
C ARG D 48 -3.14 13.43 38.89
N ASN D 49 -3.61 13.69 37.68
CA ASN D 49 -4.44 12.73 36.94
C ASN D 49 -3.78 11.37 36.81
N VAL D 50 -2.51 11.37 36.41
CA VAL D 50 -1.83 10.12 36.10
C VAL D 50 -1.59 9.32 37.35
N ARG D 51 -1.17 9.97 38.42
CA ARG D 51 -0.99 9.25 39.68
C ARG D 51 -2.31 8.71 40.24
N GLU D 52 -3.37 9.49 40.15
CA GLU D 52 -4.69 9.01 40.61
C GLU D 52 -5.11 7.76 39.82
N LEU D 53 -4.98 7.82 38.50
CA LEU D 53 -5.33 6.65 37.68
C LEU D 53 -4.47 5.45 38.06
N ALA D 54 -3.16 5.65 38.17
CA ALA D 54 -2.27 4.54 38.49
C ALA D 54 -2.62 3.90 39.83
N ASP D 55 -3.15 4.70 40.76
CA ASP D 55 -3.45 4.21 42.10
C ASP D 55 -4.66 3.30 42.11
N THR D 56 -5.50 3.40 41.09
CA THR D 56 -6.70 2.56 41.00
C THR D 56 -6.35 1.11 40.66
N LEU D 57 -5.10 0.87 40.25
CA LEU D 57 -4.68 -0.49 39.93
C LEU D 57 -4.30 -1.25 41.20
N GLU D 58 -4.90 -2.42 41.37
CA GLU D 58 -4.62 -3.25 42.54
C GLU D 58 -3.14 -3.58 42.61
N GLY D 59 -2.61 -3.61 43.81
CA GLY D 59 -1.21 -3.91 44.01
C GLY D 59 -0.31 -2.73 44.36
N GLN D 60 0.99 -3.01 44.41
CA GLN D 60 2.06 -2.04 44.66
C GLN D 60 1.88 -0.84 43.75
N GLU D 61 1.96 0.36 44.32
CA GLU D 61 1.82 1.58 43.56
C GLU D 61 2.88 1.65 42.47
N SER D 62 2.45 1.98 41.26
CA SER D 62 3.33 2.08 40.11
C SER D 62 4.25 3.29 40.23
N LEU D 63 5.48 3.13 39.75
CA LEU D 63 6.37 4.26 39.53
C LEU D 63 5.77 5.25 38.49
N VAL D 64 5.77 6.54 38.82
CA VAL D 64 5.24 7.58 37.95
C VAL D 64 6.30 8.69 37.83
N LEU D 65 6.68 9.05 36.60
CA LEU D 65 7.79 9.97 36.38
C LEU D 65 7.47 11.02 35.30
N PRO D 66 8.02 12.24 35.44
CA PRO D 66 7.83 13.23 34.38
C PRO D 66 8.69 12.88 33.19
N CYS D 67 8.18 13.04 31.97
CA CYS D 67 9.02 12.84 30.80
C CYS D 67 8.49 13.61 29.59
N ASP D 68 9.05 14.79 29.39
CA ASP D 68 8.80 15.61 28.20
C ASP D 68 9.66 15.05 27.07
N VAL D 69 9.03 14.45 26.05
CA VAL D 69 9.83 13.79 25.02
C VAL D 69 10.53 14.76 24.06
N THR D 70 10.34 16.07 24.27
CA THR D 70 11.11 17.06 23.50
C THR D 70 12.42 17.38 24.20
N ASN D 71 12.59 16.85 25.41
CA ASN D 71 13.72 17.21 26.26
C ASN D 71 14.66 16.05 26.43
N ASP D 72 15.81 16.08 25.76
CA ASP D 72 16.70 14.93 25.77
C ASP D 72 17.32 14.66 27.14
N GLU D 73 17.60 15.71 27.90
CA GLU D 73 18.16 15.54 29.24
C GLU D 73 17.17 14.80 30.14
N GLU D 74 15.91 15.18 30.05
CA GLU D 74 14.90 14.58 30.92
C GLU D 74 14.58 13.17 30.47
N LEU D 75 14.52 12.95 29.16
CA LEU D 75 14.29 11.62 28.60
C LEU D 75 15.36 10.66 29.11
N THR D 76 16.61 11.10 29.03
CA THR D 76 17.74 10.31 29.49
C THR D 76 17.68 10.04 31.00
N ALA D 77 17.39 11.08 31.79
CA ALA D 77 17.33 10.92 33.25
C ALA D 77 16.19 9.99 33.63
N CYS D 78 15.08 10.12 32.92
CA CYS D 78 13.90 9.33 33.21
C CYS D 78 14.21 7.84 33.07
N PHE D 79 14.82 7.44 31.96
CA PHE D 79 15.10 6.02 31.76
C PHE D 79 16.28 5.53 32.60
N GLU D 80 17.18 6.41 33.01
CA GLU D 80 18.19 6.01 33.98
C GLU D 80 17.52 5.72 35.34
N THR D 81 16.54 6.54 35.71
CA THR D 81 15.80 6.29 36.95
C THR D 81 15.05 4.96 36.86
N ILE D 82 14.42 4.71 35.72
CA ILE D 82 13.74 3.44 35.48
C ILE D 82 14.71 2.26 35.63
N LYS D 83 15.88 2.37 35.02
CA LYS D 83 16.91 1.33 35.15
C LYS D 83 17.32 1.07 36.61
N GLN D 84 17.49 2.13 37.39
CA GLN D 84 17.85 1.94 38.79
C GLN D 84 16.72 1.36 39.62
N GLU D 85 15.48 1.70 39.27
CA GLU D 85 14.32 1.26 40.05
C GLU D 85 13.87 -0.18 39.75
N VAL D 86 13.92 -0.60 38.48
CA VAL D 86 13.40 -1.94 38.14
C VAL D 86 14.42 -2.81 37.39
N GLY D 87 15.50 -2.20 36.93
CA GLY D 87 16.60 -2.96 36.37
C GLY D 87 16.45 -3.38 34.92
N THR D 88 15.28 -3.94 34.59
CA THR D 88 14.95 -4.41 33.24
C THR D 88 13.49 -4.13 32.92
N ILE D 89 13.21 -3.62 31.73
CA ILE D 89 11.82 -3.50 31.29
C ILE D 89 11.62 -4.34 30.02
N HIS D 90 10.37 -4.62 29.67
CA HIS D 90 10.13 -5.53 28.55
C HIS D 90 9.35 -4.88 27.43
N GLY D 91 9.15 -3.57 27.53
CA GLY D 91 8.49 -2.86 26.46
C GLY D 91 8.08 -1.45 26.83
N VAL D 92 7.70 -0.68 25.82
CA VAL D 92 7.26 0.69 25.99
C VAL D 92 6.05 0.95 25.10
N ALA D 93 5.03 1.59 25.65
CA ALA D 93 3.89 2.07 24.87
C ALA D 93 4.02 3.59 24.70
N HIS D 94 4.32 4.00 23.46
CA HIS D 94 4.49 5.40 23.10
C HIS D 94 3.15 5.94 22.59
N CYS D 95 2.46 6.72 23.42
CA CYS D 95 1.11 7.20 23.10
C CYS D 95 1.08 8.71 23.14
N ILE D 96 1.90 9.34 22.30
CA ILE D 96 2.18 10.78 22.41
C ILE D 96 2.10 11.47 21.06
N ALA D 97 1.36 12.57 20.99
CA ALA D 97 1.30 13.38 19.79
C ALA D 97 0.89 14.79 20.14
N PHE D 98 1.28 15.75 19.32
CA PHE D 98 0.80 17.11 19.47
C PHE D 98 0.99 17.87 18.16
N ALA D 99 0.06 18.78 17.88
CA ALA D 99 0.26 19.78 16.84
C ALA D 99 -0.53 21.01 17.25
N ASN D 100 -0.12 22.18 16.75
CA ASN D 100 -0.85 23.42 17.02
C ASN D 100 -2.24 23.38 16.41
N ARG D 101 -3.23 23.86 17.15
CA ARG D 101 -4.61 23.71 16.67
C ARG D 101 -4.92 24.59 15.46
N ASP D 102 -4.15 25.64 15.22
CA ASP D 102 -4.34 26.43 14.03
C ASP D 102 -3.94 25.65 12.78
N ASP D 103 -2.94 24.78 12.92
CA ASP D 103 -2.49 24.00 11.78
C ASP D 103 -3.46 22.89 11.43
N LEU D 104 -4.26 22.49 12.40
CA LEU D 104 -5.29 21.49 12.16
C LEU D 104 -6.52 22.12 11.50
N LYS D 105 -6.70 23.42 11.68
CA LYS D 105 -7.89 24.08 11.12
C LYS D 105 -7.70 24.51 9.66
N GLY D 106 -6.68 25.32 9.40
CA GLY D 106 -6.47 25.87 8.06
C GLY D 106 -6.19 24.83 7.00
N GLU D 107 -6.06 25.25 5.75
CA GLU D 107 -5.60 24.36 4.67
C GLU D 107 -4.18 23.87 5.01
N PHE D 108 -3.86 22.65 4.63
CA PHE D 108 -2.54 22.09 4.92
C PHE D 108 -1.42 22.95 4.33
N VAL D 109 -1.69 23.56 3.18
CA VAL D 109 -0.68 24.35 2.49
C VAL D 109 -0.29 25.59 3.30
N ASP D 110 -1.17 26.00 4.22
CA ASP D 110 -0.88 27.16 5.09
C ASP D 110 -0.18 26.79 6.40
N THR D 111 0.23 25.52 6.54
CA THR D 111 0.94 25.07 7.74
C THR D 111 2.22 25.87 7.97
N SER D 112 2.41 26.38 9.19
CA SER D 112 3.63 27.12 9.48
C SER D 112 4.81 26.15 9.62
N ARG D 113 6.00 26.64 9.30
CA ARG D 113 7.23 25.86 9.44
C ARG D 113 7.44 25.40 10.88
N ASP D 114 7.31 26.31 11.83
CA ASP D 114 7.53 25.94 13.23
C ASP D 114 6.46 24.94 13.69
N GLY D 115 5.22 25.10 13.20
CA GLY D 115 4.16 24.17 13.55
C GLY D 115 4.39 22.78 12.93
N PHE D 116 4.91 22.75 11.71
CA PHE D 116 5.27 21.48 11.05
C PHE D 116 6.36 20.78 11.85
N LEU D 117 7.42 21.50 12.19
CA LEU D 117 8.55 20.88 12.86
C LEU D 117 8.21 20.48 14.30
N LEU D 118 7.33 21.24 14.94
CA LEU D 118 6.86 20.89 16.28
C LEU D 118 6.07 19.56 16.27
N ALA D 119 5.18 19.41 15.30
CA ALA D 119 4.41 18.17 15.16
C ALA D 119 5.31 16.97 14.89
N GLN D 120 6.30 17.16 14.01
CA GLN D 120 7.27 16.12 13.71
C GLN D 120 8.08 15.74 14.94
N ASN D 121 8.50 16.75 15.69
CA ASN D 121 9.33 16.54 16.86
C ASN D 121 8.60 15.72 17.93
N ILE D 122 7.40 16.15 18.27
CA ILE D 122 6.65 15.50 19.35
C ILE D 122 5.97 14.19 18.92
N SER D 123 5.46 14.16 17.69
CA SER D 123 4.62 13.03 17.27
C SER D 123 5.36 11.93 16.51
N ALA D 124 6.54 12.24 15.99
CA ALA D 124 7.27 11.28 15.18
C ALA D 124 8.66 11.03 15.74
N PHE D 125 9.48 12.08 15.86
CA PHE D 125 10.85 11.83 16.28
C PHE D 125 10.90 11.26 17.69
N SER D 126 9.94 11.60 18.53
CA SER D 126 9.98 11.16 19.92
C SER D 126 9.98 9.63 20.04
N LEU D 127 9.42 8.92 19.06
CA LEU D 127 9.43 7.46 19.08
C LEU D 127 10.88 6.98 19.04
N THR D 128 11.66 7.59 18.16
CA THR D 128 13.07 7.24 18.02
C THR D 128 13.88 7.63 19.26
N ALA D 129 13.65 8.83 19.79
CA ALA D 129 14.34 9.27 21.02
C ALA D 129 14.04 8.32 22.19
N VAL D 130 12.76 7.96 22.32
CA VAL D 130 12.36 6.99 23.34
C VAL D 130 12.98 5.61 23.10
N ALA D 131 12.96 5.14 21.85
CA ALA D 131 13.52 3.82 21.54
C ALA D 131 15.00 3.75 21.89
N ARG D 132 15.72 4.83 21.64
CA ARG D 132 17.15 4.85 21.91
C ARG D 132 17.44 4.68 23.41
N GLU D 133 16.62 5.27 24.28
CA GLU D 133 16.79 5.09 25.73
C GLU D 133 16.22 3.75 26.17
N ALA D 134 15.07 3.38 25.64
CA ALA D 134 14.43 2.11 26.02
C ALA D 134 15.32 0.91 25.72
N LYS D 135 15.98 0.93 24.56
CA LYS D 135 16.93 -0.10 24.17
C LYS D 135 17.99 -0.39 25.25
N LYS D 136 18.34 0.64 26.03
CA LYS D 136 19.35 0.47 27.07
C LYS D 136 18.84 -0.38 28.22
N VAL D 137 17.53 -0.40 28.40
CA VAL D 137 16.91 -1.07 29.54
C VAL D 137 16.18 -2.36 29.13
N MET D 138 15.92 -2.52 27.83
CA MET D 138 15.26 -3.73 27.33
C MET D 138 16.26 -4.81 26.95
N THR D 139 17.00 -5.29 27.94
CA THR D 139 18.15 -6.15 27.69
C THR D 139 17.75 -7.59 27.37
N GLU D 140 16.48 -7.93 27.55
CA GLU D 140 15.97 -9.25 27.19
C GLU D 140 15.03 -9.17 25.99
N GLY D 141 15.01 -8.04 25.30
CA GLY D 141 14.13 -7.86 24.17
C GLY D 141 12.72 -7.50 24.57
N GLY D 142 11.82 -7.45 23.60
CA GLY D 142 10.45 -7.06 23.89
C GLY D 142 9.91 -6.22 22.75
N ASN D 143 8.90 -5.42 23.05
CA ASN D 143 8.18 -4.70 22.00
C ASN D 143 8.08 -3.22 22.32
N ILE D 144 8.22 -2.38 21.30
CA ILE D 144 7.92 -0.97 21.42
C ILE D 144 6.71 -0.70 20.53
N LEU D 145 5.71 -0.09 21.13
CA LEU D 145 4.44 0.17 20.46
C LEU D 145 4.18 1.65 20.30
N THR D 146 3.62 2.05 19.18
CA THR D 146 3.15 3.42 19.05
C THR D 146 1.74 3.42 18.48
N LEU D 147 1.07 4.56 18.56
CA LEU D 147 -0.29 4.71 18.06
C LEU D 147 -0.34 5.62 16.85
N THR D 148 -0.96 5.17 15.77
CA THR D 148 -1.06 6.02 14.59
C THR D 148 -2.51 6.09 14.15
N TYR D 149 -2.74 6.73 13.01
CA TYR D 149 -4.09 6.97 12.53
C TYR D 149 -4.13 6.86 11.01
N LEU D 150 -5.28 6.49 10.47
CA LEU D 150 -5.46 6.33 9.03
C LEU D 150 -4.98 7.55 8.24
N GLY D 151 -5.04 8.73 8.87
CA GLY D 151 -4.63 9.96 8.24
C GLY D 151 -3.16 10.03 7.88
N GLY D 152 -2.37 9.13 8.46
CA GLY D 152 -0.98 9.00 8.04
C GLY D 152 -0.82 8.22 6.74
N GLU D 153 -1.87 7.52 6.30
CA GLU D 153 -1.83 6.71 5.08
C GLU D 153 -2.58 7.35 3.93
N ARG D 154 -3.74 7.93 4.24
CA ARG D 154 -4.58 8.59 3.24
C ARG D 154 -5.09 9.91 3.81
N VAL D 155 -5.63 10.75 2.93
CA VAL D 155 -6.05 12.09 3.33
C VAL D 155 -7.36 12.04 4.10
N VAL D 156 -7.33 12.44 5.37
CA VAL D 156 -8.56 12.54 6.14
C VAL D 156 -8.79 14.02 6.54
N LYS D 157 -10.04 14.46 6.47
CA LYS D 157 -10.34 15.88 6.66
C LYS D 157 -9.87 16.40 8.02
N ASN D 158 -9.34 17.64 7.99
CA ASN D 158 -8.91 18.38 9.18
C ASN D 158 -7.59 17.90 9.79
N TYR D 159 -7.17 16.69 9.47
CA TYR D 159 -5.99 16.11 10.13
C TYR D 159 -4.68 16.75 9.69
N ASN D 160 -4.60 17.13 8.42
CA ASN D 160 -3.50 17.97 7.90
C ASN D 160 -2.11 17.64 8.40
N VAL D 161 -1.52 18.56 9.18
CA VAL D 161 -0.12 18.41 9.57
C VAL D 161 0.09 17.14 10.42
N MET D 162 -0.93 16.72 11.15
CA MET D 162 -0.78 15.50 11.94
C MET D 162 -0.74 14.27 11.03
N GLY D 163 -1.40 14.35 9.89
CA GLY D 163 -1.37 13.22 8.96
C GLY D 163 0.04 13.03 8.44
N VAL D 164 0.73 14.15 8.17
CA VAL D 164 2.09 14.07 7.70
C VAL D 164 3.04 13.59 8.80
N ALA D 165 2.81 14.00 10.04
CA ALA D 165 3.61 13.50 11.17
C ALA D 165 3.36 11.99 11.38
N LYS D 166 2.12 11.53 11.19
CA LYS D 166 1.87 10.09 11.35
C LYS D 166 2.51 9.29 10.22
N ALA D 167 2.63 9.88 9.02
CA ALA D 167 3.38 9.21 7.95
C ALA D 167 4.81 9.01 8.39
N SER D 168 5.38 10.08 8.94
CA SER D 168 6.73 10.04 9.47
C SER D 168 6.87 8.99 10.58
N LEU D 169 5.89 8.97 11.48
CA LEU D 169 5.85 7.99 12.56
C LEU D 169 5.83 6.55 12.00
N GLU D 170 4.94 6.28 11.05
CA GLU D 170 4.80 4.93 10.51
C GLU D 170 6.07 4.48 9.80
N ALA D 171 6.75 5.40 9.11
CA ALA D 171 8.02 5.04 8.48
C ALA D 171 9.09 4.77 9.54
N SER D 172 9.05 5.53 10.63
CA SER D 172 9.99 5.33 11.74
C SER D 172 9.82 3.96 12.37
N VAL D 173 8.57 3.54 12.53
CA VAL D 173 8.30 2.18 13.01
C VAL D 173 9.04 1.14 12.17
N LYS D 174 9.03 1.29 10.85
CA LYS D 174 9.70 0.33 9.97
C LYS D 174 11.22 0.41 10.08
N TYR D 175 11.79 1.62 10.02
CA TYR D 175 13.26 1.72 10.14
C TYR D 175 13.75 1.29 11.54
N LEU D 176 12.98 1.58 12.58
CA LEU D 176 13.34 1.12 13.93
C LEU D 176 13.24 -0.41 14.05
N ALA D 177 12.20 -1.00 13.46
CA ALA D 177 12.04 -2.45 13.47
C ALA D 177 13.24 -3.10 12.81
N ASN D 178 13.70 -2.52 11.71
CA ASN D 178 14.86 -3.05 11.01
C ASN D 178 16.16 -2.92 11.83
N ASP D 179 16.28 -1.83 12.57
CA ASP D 179 17.43 -1.62 13.46
C ASP D 179 17.48 -2.57 14.65
N LEU D 180 16.36 -2.64 15.34
CA LEU D 180 16.32 -3.18 16.70
C LEU D 180 16.02 -4.68 16.75
N GLY D 181 15.55 -5.24 15.63
CA GLY D 181 15.21 -6.65 15.56
C GLY D 181 16.37 -7.58 15.90
N GLN D 182 17.57 -7.22 15.47
CA GLN D 182 18.75 -8.01 15.78
C GLN D 182 19.03 -8.05 17.29
N HIS D 183 18.49 -7.08 18.03
CA HIS D 183 18.63 -7.04 19.49
C HIS D 183 17.42 -7.62 20.22
N GLY D 184 16.59 -8.38 19.50
CA GLY D 184 15.39 -8.96 20.09
C GLY D 184 14.27 -7.96 20.38
N ILE D 185 14.33 -6.79 19.77
CA ILE D 185 13.30 -5.79 20.03
C ILE D 185 12.42 -5.61 18.81
N ARG D 186 11.12 -5.80 19.01
CA ARG D 186 10.11 -5.60 17.97
C ARG D 186 9.53 -4.19 18.08
N VAL D 187 9.11 -3.63 16.96
CA VAL D 187 8.51 -2.29 16.96
C VAL D 187 7.28 -2.33 16.07
N ASN D 188 6.13 -1.96 16.64
CA ASN D 188 4.87 -2.06 15.91
C ASN D 188 4.00 -0.86 16.19
N ALA D 189 3.00 -0.65 15.34
CA ALA D 189 2.02 0.40 15.57
C ALA D 189 0.61 -0.20 15.59
N ILE D 190 -0.25 0.45 16.35
CA ILE D 190 -1.68 0.21 16.24
C ILE D 190 -2.27 1.46 15.60
N SER D 191 -3.04 1.26 14.53
CA SER D 191 -3.75 2.37 13.90
C SER D 191 -5.18 2.36 14.43
N ALA D 192 -5.46 3.24 15.39
CA ALA D 192 -6.75 3.24 16.06
C ALA D 192 -7.76 4.03 15.25
N GLY D 193 -9.02 3.59 15.26
CA GLY D 193 -10.10 4.40 14.72
C GLY D 193 -10.36 5.55 15.69
N PRO D 194 -11.17 6.53 15.27
CA PRO D 194 -11.49 7.72 16.08
C PRO D 194 -12.07 7.34 17.43
N ILE D 195 -11.53 7.97 18.48
CA ILE D 195 -11.98 7.79 19.86
C ILE D 195 -12.04 9.15 20.54
N ARG D 196 -13.11 9.43 21.26
CA ARG D 196 -13.22 10.72 21.93
C ARG D 196 -12.23 10.79 23.11
N THR D 197 -11.17 11.56 22.92
CA THR D 197 -10.15 11.75 23.95
C THR D 197 -9.94 13.24 24.15
N LEU D 198 -9.03 13.62 25.05
CA LEU D 198 -8.70 15.04 25.23
C LEU D 198 -8.20 15.67 23.93
N SER D 199 -7.38 14.92 23.20
CA SER D 199 -6.77 15.48 22.00
C SER D 199 -7.72 15.50 20.82
N ALA D 200 -8.86 14.82 20.93
CA ALA D 200 -9.81 14.75 19.84
C ALA D 200 -10.56 16.07 19.68
N LYS D 201 -10.48 16.91 20.70
CA LYS D 201 -11.07 18.25 20.65
C LYS D 201 -10.40 19.07 19.54
N GLY D 202 -9.14 18.77 19.27
CA GLY D 202 -8.39 19.46 18.22
C GLY D 202 -8.86 19.17 16.81
N VAL D 203 -9.59 18.07 16.62
CA VAL D 203 -10.11 17.70 15.29
C VAL D 203 -11.58 18.13 15.12
N GLY D 204 -11.88 18.81 14.02
CA GLY D 204 -13.21 19.38 13.81
C GLY D 204 -14.34 18.40 13.52
N ASP D 205 -15.55 18.76 13.95
CA ASP D 205 -16.78 17.98 13.73
C ASP D 205 -16.62 16.52 14.13
N PHE D 206 -16.16 16.28 15.35
CA PHE D 206 -15.81 14.92 15.76
C PHE D 206 -17.01 14.01 15.86
N ASN D 207 -18.17 14.56 16.24
CA ASN D 207 -19.39 13.75 16.31
C ASN D 207 -19.78 13.23 14.93
N SER D 208 -19.57 14.06 13.93
CA SER D 208 -19.83 13.71 12.54
C SER D 208 -18.93 12.56 12.09
N ILE D 209 -17.67 12.61 12.50
CA ILE D 209 -16.71 11.56 12.18
C ILE D 209 -17.11 10.22 12.81
N LEU D 210 -17.46 10.25 14.09
CA LEU D 210 -17.92 9.05 14.78
C LEU D 210 -19.17 8.46 14.13
N ARG D 211 -20.08 9.33 13.68
CA ARG D 211 -21.30 8.85 13.03
C ARG D 211 -20.97 8.14 11.72
N GLU D 212 -20.00 8.67 10.97
CA GLU D 212 -19.64 8.04 9.71
C GLU D 212 -19.06 6.64 9.93
N ILE D 213 -18.21 6.52 10.95
CA ILE D 213 -17.68 5.23 11.35
C ILE D 213 -18.80 4.24 11.69
N GLU D 214 -19.73 4.68 12.55
CA GLU D 214 -20.86 3.84 12.95
C GLU D 214 -21.70 3.38 11.77
N GLU D 215 -21.86 4.27 10.79
CA GLU D 215 -22.70 3.97 9.64
C GLU D 215 -22.00 3.12 8.59
N ARG D 216 -20.70 3.37 8.36
CA ARG D 216 -20.01 2.75 7.24
C ARG D 216 -18.99 1.65 7.59
N ALA D 217 -18.42 1.67 8.80
CA ALA D 217 -17.42 0.65 9.13
C ALA D 217 -18.03 -0.75 9.06
N PRO D 218 -17.24 -1.73 8.59
CA PRO D 218 -17.69 -3.12 8.58
C PRO D 218 -18.34 -3.58 9.88
N LEU D 219 -17.78 -3.25 11.04
CA LEU D 219 -18.38 -3.69 12.30
C LEU D 219 -19.50 -2.77 12.81
N ARG D 220 -19.78 -1.70 12.08
CA ARG D 220 -20.89 -0.79 12.38
C ARG D 220 -20.85 -0.21 13.79
N ARG D 221 -19.65 0.10 14.27
CA ARG D 221 -19.51 0.66 15.60
C ARG D 221 -18.14 1.31 15.68
N THR D 222 -17.98 2.25 16.61
CA THR D 222 -16.72 2.94 16.77
C THR D 222 -15.82 2.14 17.73
N THR D 223 -14.52 2.40 17.64
CA THR D 223 -13.52 1.72 18.46
C THR D 223 -13.55 2.20 19.91
N THR D 224 -12.93 1.43 20.80
CA THR D 224 -12.80 1.82 22.20
C THR D 224 -11.35 1.75 22.64
N GLN D 225 -11.02 2.47 23.72
CA GLN D 225 -9.71 2.39 24.32
C GLN D 225 -9.41 0.95 24.72
N GLU D 226 -10.43 0.21 25.12
CA GLU D 226 -10.22 -1.18 25.55
C GLU D 226 -9.86 -2.10 24.36
N GLU D 227 -10.45 -1.87 23.20
CA GLU D 227 -10.12 -2.66 22.01
C GLU D 227 -8.67 -2.42 21.62
N VAL D 228 -8.22 -1.17 21.73
CA VAL D 228 -6.81 -0.86 21.45
C VAL D 228 -5.92 -1.50 22.49
N GLY D 229 -6.30 -1.36 23.77
CA GLY D 229 -5.51 -1.95 24.84
C GLY D 229 -5.33 -3.46 24.69
N ASP D 230 -6.37 -4.13 24.22
CA ASP D 230 -6.32 -5.59 24.10
C ASP D 230 -5.45 -6.04 22.92
N THR D 231 -5.40 -5.23 21.87
CA THR D 231 -4.45 -5.49 20.79
C THR D 231 -3.03 -5.23 21.25
N ALA D 232 -2.84 -4.20 22.10
CA ALA D 232 -1.52 -3.95 22.68
C ALA D 232 -1.05 -5.13 23.52
N VAL D 233 -1.96 -5.74 24.28
CA VAL D 233 -1.61 -6.93 25.04
C VAL D 233 -1.00 -7.99 24.12
N PHE D 234 -1.67 -8.26 23.01
CA PHE D 234 -1.11 -9.16 22.00
C PHE D 234 0.31 -8.78 21.60
N LEU D 235 0.50 -7.54 21.13
CA LEU D 235 1.78 -7.11 20.58
C LEU D 235 2.93 -7.14 21.60
N PHE D 236 2.59 -6.90 22.86
CA PHE D 236 3.58 -6.94 23.94
C PHE D 236 3.87 -8.36 24.42
N SER D 237 2.97 -9.30 24.12
CA SER D 237 3.12 -10.68 24.59
C SER D 237 4.01 -11.54 23.70
N ASP D 238 4.38 -12.70 24.20
CA ASP D 238 5.16 -13.66 23.42
C ASP D 238 4.36 -14.22 22.22
N LEU D 239 3.05 -14.04 22.21
CA LEU D 239 2.21 -14.48 21.09
C LEU D 239 2.61 -13.75 19.79
N ALA D 240 3.15 -12.55 19.94
CA ALA D 240 3.48 -11.72 18.79
C ALA D 240 4.97 -11.75 18.47
N ARG D 241 5.68 -12.77 18.94
CA ARG D 241 7.14 -12.78 18.78
C ARG D 241 7.59 -12.81 17.31
N GLY D 242 6.71 -13.19 16.38
CA GLY D 242 7.08 -13.14 14.97
C GLY D 242 6.62 -11.87 14.25
N VAL D 243 6.03 -10.96 15.00
CA VAL D 243 5.43 -9.75 14.41
C VAL D 243 6.24 -8.48 14.68
N THR D 244 6.82 -7.89 13.64
CA THR D 244 7.51 -6.61 13.83
C THR D 244 7.39 -5.77 12.57
N GLY D 245 7.50 -4.45 12.73
CA GLY D 245 7.31 -3.52 11.64
C GLY D 245 5.89 -3.54 11.09
N GLU D 246 4.94 -3.95 11.93
CA GLU D 246 3.56 -4.06 11.47
C GLU D 246 2.71 -2.90 11.99
N ASN D 247 1.63 -2.62 11.28
CA ASN D 247 0.67 -1.60 11.66
C ASN D 247 -0.70 -2.27 11.72
N ILE D 248 -1.20 -2.55 12.93
CA ILE D 248 -2.48 -3.24 13.02
C ILE D 248 -3.61 -2.25 13.19
N HIS D 249 -4.58 -2.28 12.27
CA HIS D 249 -5.71 -1.38 12.35
C HIS D 249 -6.74 -1.90 13.34
N VAL D 250 -7.03 -1.09 14.35
CA VAL D 250 -8.08 -1.39 15.32
C VAL D 250 -9.12 -0.29 15.16
N ASP D 251 -9.93 -0.45 14.13
CA ASP D 251 -10.76 0.64 13.63
C ASP D 251 -12.09 0.13 13.07
N SER D 252 -12.52 -1.02 13.57
CA SER D 252 -13.78 -1.65 13.14
C SER D 252 -13.78 -1.95 11.63
N GLY D 253 -12.59 -2.07 11.06
CA GLY D 253 -12.46 -2.41 9.64
C GLY D 253 -12.53 -1.24 8.68
N TYR D 254 -12.64 -0.02 9.21
CA TYR D 254 -12.88 1.15 8.34
C TYR D 254 -11.81 1.33 7.26
N HIS D 255 -10.55 1.01 7.60
CA HIS D 255 -9.42 1.21 6.69
C HIS D 255 -9.55 0.49 5.33
N ILE D 256 -10.43 -0.51 5.21
CA ILE D 256 -10.54 -1.27 3.94
C ILE D 256 -11.40 -0.55 2.90
N LEU D 257 -12.14 0.46 3.32
CA LEU D 257 -13.12 1.09 2.44
C LEU D 257 -12.50 2.05 1.46
N GLY D 258 -13.00 2.04 0.23
CA GLY D 258 -12.42 2.88 -0.82
C GLY D 258 -13.27 4.08 -1.16
PA NAD E . 0.03 -27.91 3.33
O1A NAD E . 0.27 -28.70 2.11
O2A NAD E . 0.32 -28.52 4.67
O5B NAD E . -1.50 -27.41 3.42
C5B NAD E . -2.29 -27.10 2.25
C4B NAD E . -3.62 -27.77 2.47
O4B NAD E . -4.55 -27.46 1.41
C3B NAD E . -3.55 -29.31 2.56
O3B NAD E . -4.16 -29.74 3.77
C2B NAD E . -4.37 -29.76 1.35
O2B NAD E . -5.02 -31.00 1.58
C1B NAD E . -5.37 -28.61 1.29
N9A NAD E . -6.17 -28.55 0.08
C8A NAD E . -5.76 -28.55 -1.23
N7A NAD E . -6.73 -28.69 -2.10
C5A NAD E . -7.87 -28.78 -1.30
C6A NAD E . -9.23 -28.97 -1.61
N6A NAD E . -9.69 -29.16 -2.86
N1A NAD E . -10.11 -29.02 -0.59
C2A NAD E . -9.65 -28.91 0.66
N3A NAD E . -8.39 -28.75 1.07
C4A NAD E . -7.54 -28.69 0.04
O3 NAD E . 0.81 -26.53 3.23
PN NAD E . 0.88 -25.16 4.06
O1N NAD E . 2.17 -24.54 3.69
O2N NAD E . 0.57 -25.45 5.49
O5D NAD E . -0.33 -24.34 3.41
C5D NAD E . -1.45 -23.85 4.19
C4D NAD E . -1.77 -22.45 3.73
O4D NAD E . -0.68 -21.57 4.11
C3D NAD E . -1.94 -22.26 2.21
O3D NAD E . -2.97 -21.31 1.94
C2D NAD E . -0.59 -21.67 1.79
O2D NAD E . -0.65 -20.91 0.58
C1D NAD E . -0.33 -20.78 2.99
N1N NAD E . 1.10 -20.27 3.20
C2N NAD E . 2.13 -21.13 3.31
C3N NAD E . 3.42 -20.66 3.49
C7N NAD E . 4.62 -21.54 3.65
O7N NAD E . 5.75 -21.02 3.59
N7N NAD E . 4.43 -22.86 3.78
C4N NAD E . 3.61 -19.27 3.56
C5N NAD E . 2.53 -18.42 3.45
C6N NAD E . 1.27 -18.93 3.26
C1 TCL F . 4.06 -19.92 0.07
C2 TCL F . 5.26 -20.52 0.35
C6 TCL F . 2.92 -20.70 -0.07
C5 TCL F . 3.01 -22.09 0.07
C4 TCL F . 4.24 -22.68 0.34
C3 TCL F . 5.37 -21.89 0.48
C11 TCL F . 0.97 -24.74 -3.63
C10 TCL F . 0.14 -24.91 -2.56
C9 TCL F . 0.45 -24.26 -1.37
C8 TCL F . 1.56 -23.43 -1.28
C12 TCL F . 2.06 -23.89 -3.59
C13 TCL F . 2.36 -23.23 -2.41
O7 TCL F . 1.87 -22.86 -0.05
CL14 TCL F . 6.69 -19.54 0.56
CL15 TCL F . 0.70 -25.70 -5.06
CL16 TCL F . -0.49 -24.61 0.03
O17 TCL F . 1.73 -20.11 -0.38
S SO4 G . 2.73 -27.84 21.31
O1 SO4 G . 3.28 -28.21 20.00
O2 SO4 G . 1.62 -28.74 21.63
O3 SO4 G . 3.78 -27.96 22.34
O4 SO4 G . 2.26 -26.46 21.27
PA NAD H . -17.30 -1.28 -22.24
O1A NAD H . -18.53 -2.05 -22.04
O2A NAD H . -17.25 -0.22 -23.32
O5B NAD H . -15.99 -2.22 -22.48
C5B NAD H . -15.91 -3.58 -22.01
C4B NAD H . -15.40 -4.36 -23.19
O4B NAD H . -15.04 -5.70 -22.81
C3B NAD H . -16.40 -4.49 -24.37
O3B NAD H . -15.79 -4.03 -25.56
C2B NAD H . -16.67 -5.99 -24.42
O2B NAD H . -16.97 -6.47 -25.73
C1B NAD H . -15.34 -6.51 -23.92
N9A NAD H . -15.36 -7.92 -23.53
C8A NAD H . -16.17 -8.53 -22.61
N7A NAD H . -16.10 -9.85 -22.64
C5A NAD H . -15.18 -10.11 -23.64
C6A NAD H . -14.69 -11.30 -24.20
N6A NAD H . -15.12 -12.52 -23.85
N1A NAD H . -13.75 -11.21 -25.16
C2A NAD H . -13.36 -10.00 -25.58
N3A NAD H . -13.77 -8.80 -25.15
C4A NAD H . -14.70 -8.93 -24.18
O3 NAD H . -16.92 -0.58 -20.86
PN NAD H . -15.65 0.19 -20.28
O1N NAD H . -16.11 0.92 -19.08
O2N NAD H . -14.96 0.93 -21.37
O5D NAD H . -14.71 -1.02 -19.84
C5D NAD H . -13.36 -1.15 -20.36
C4D NAD H . -12.43 -1.51 -19.22
O4D NAD H . -12.28 -0.36 -18.33
C3D NAD H . -12.87 -2.67 -18.33
O3D NAD H . -11.73 -3.42 -17.91
C2D NAD H . -13.44 -1.95 -17.10
O2D NAD H . -13.42 -2.75 -15.92
C1D NAD H . -12.45 -0.81 -17.02
N1N NAD H . -12.86 0.40 -16.14
C2N NAD H . -14.01 1.04 -16.38
C3N NAD H . -14.41 2.10 -15.58
C7N NAD H . -15.64 2.91 -15.86
O7N NAD H . -16.02 3.75 -15.02
N7N NAD H . -16.31 2.67 -16.99
C4N NAD H . -13.58 2.47 -14.52
C5N NAD H . -12.38 1.81 -14.31
C6N NAD H . -12.04 0.76 -15.13
C1 TCL I . -15.82 0.13 -12.97
C2 TCL I . -16.81 1.09 -13.04
C6 TCL I . -15.74 -0.84 -13.95
C5 TCL I . -16.66 -0.83 -15.01
C4 TCL I . -17.66 0.13 -15.05
C3 TCL I . -17.74 1.09 -14.06
C11 TCL I . -18.80 -5.28 -15.79
C10 TCL I . -17.96 -5.08 -16.86
C9 TCL I . -17.22 -3.91 -16.89
C8 TCL I . -17.30 -2.97 -15.86
C12 TCL I . -18.88 -4.38 -14.74
C13 TCL I . -18.12 -3.23 -14.77
O7 TCL I . -16.56 -1.80 -15.99
CL14 TCL I . -16.89 2.32 -11.82
CL15 TCL I . -19.86 -6.67 -15.82
CL16 TCL I . -16.24 -3.58 -18.28
O17 TCL I . -14.77 -1.80 -13.88
PA NAD J . 21.62 16.79 -6.15
O1A NAD J . 22.68 16.92 -5.14
O2A NAD J . 22.06 17.02 -7.60
O5B NAD J . 20.32 17.72 -5.90
C5B NAD J . 19.84 18.03 -4.56
C4B NAD J . 19.58 19.52 -4.55
O4B NAD J . 19.00 19.93 -3.28
C3B NAD J . 20.82 20.41 -4.76
O3B NAD J . 20.58 21.32 -5.83
C2B NAD J . 20.93 21.19 -3.46
O2B NAD J . 21.46 22.50 -3.63
C1B NAD J . 19.46 21.25 -3.08
N9A NAD J . 19.20 21.71 -1.72
C8A NAD J . 19.67 21.17 -0.55
N7A NAD J . 19.45 21.92 0.51
C5A NAD J . 18.78 23.02 -0.01
C6A NAD J . 18.27 24.20 0.59
N6A NAD J . 18.42 24.50 1.89
N1A NAD J . 17.63 25.07 -0.21
C2A NAD J . 17.52 24.80 -1.51
N3A NAD J . 17.97 23.74 -2.19
C4A NAD J . 18.59 22.89 -1.38
O3 NAD J . 20.98 15.34 -6.09
PN NAD J . 19.75 14.59 -6.77
O1N NAD J . 19.98 13.13 -6.66
O2N NAD J . 19.49 15.18 -8.10
O5D NAD J . 18.55 15.01 -5.80
C5D NAD J . 17.35 15.65 -6.28
C4D NAD J . 16.15 15.01 -5.62
O4D NAD J . 15.96 13.67 -6.14
C3D NAD J . 16.22 14.87 -4.09
O3D NAD J . 14.94 15.13 -3.53
C2D NAD J . 16.59 13.40 -3.92
O2D NAD J . 16.25 12.89 -2.63
C1D NAD J . 15.76 12.81 -5.04
N1N NAD J . 16.10 11.39 -5.48
C2N NAD J . 17.36 11.08 -5.85
C3N NAD J . 17.69 9.80 -6.24
C7N NAD J . 19.03 9.42 -6.77
O7N NAD J . 19.29 8.23 -6.96
N7N NAD J . 19.92 10.39 -6.96
C4N NAD J . 16.68 8.84 -6.25
C5N NAD J . 15.39 9.18 -5.89
C6N NAD J . 15.11 10.47 -5.49
C1 TCL K . 18.15 8.55 -3.06
C2 TCL K . 19.27 7.96 -3.63
C6 TCL K . 18.17 9.89 -2.73
C5 TCL K . 19.32 10.65 -3.01
C4 TCL K . 20.43 10.05 -3.58
C3 TCL K . 20.41 8.70 -3.89
C11 TCL K . 21.10 13.46 0.74
C10 TCL K . 20.50 14.33 -0.14
C9 TCL K . 19.91 13.81 -1.27
C8 TCL K . 19.88 12.44 -1.51
C12 TCL K . 21.05 12.09 0.55
C13 TCL K . 20.44 11.59 -0.58
O7 TCL K . 19.31 12.01 -2.71
CL14 TCL K . 19.26 6.27 -3.97
CL15 TCL K . 22.03 14.11 2.05
CL16 TCL K . 19.32 14.91 -2.49
O17 TCL K . 17.12 10.49 -2.12
S SO4 L . 17.69 7.45 -21.44
O1 SO4 L . 18.58 8.10 -22.41
O2 SO4 L . 17.04 6.23 -21.94
O3 SO4 L . 18.50 7.09 -20.29
O4 SO4 L . 16.69 8.39 -20.97
PA NAD M . -4.50 12.24 24.85
O1A NAD M . -4.62 13.72 24.82
O2A NAD M . -5.19 11.49 25.96
O5B NAD M . -2.99 11.70 24.83
C5B NAD M . -1.94 12.45 24.17
C4B NAD M . -0.77 12.42 25.12
O4B NAD M . 0.41 13.02 24.53
C3B NAD M . -1.01 13.15 26.46
O3B NAD M . -0.69 12.31 27.56
C2B NAD M . -0.02 14.32 26.39
O2B NAD M . 0.44 14.73 27.66
C1B NAD M . 1.09 13.65 25.59
N9A NAD M . 2.14 14.54 25.10
C8A NAD M . 2.01 15.66 24.33
N7A NAD M . 3.11 16.36 24.21
C5A NAD M . 4.04 15.64 24.95
C6A NAD M . 5.40 15.87 25.25
N6A NAD M . 6.09 16.94 24.85
N1A NAD M . 6.03 14.94 26.02
C2A NAD M . 5.34 13.90 26.47
N3A NAD M . 4.05 13.59 26.27
C4A NAD M . 3.46 14.50 25.49
O3 NAD M . -5.11 11.66 23.49
PN NAD M . -5.11 10.24 22.75
O1N NAD M . -6.22 10.29 21.76
O2N NAD M . -5.10 9.18 23.78
O5D NAD M . -3.70 10.29 22.01
C5D NAD M . -2.71 9.26 22.22
C4D NAD M . -2.13 8.84 20.88
O4D NAD M . -3.13 8.15 20.10
C3D NAD M . -1.61 9.98 20.00
O3D NAD M . -0.43 9.55 19.32
C2D NAD M . -2.74 10.14 18.98
O2D NAD M . -2.29 10.68 17.74
C1D NAD M . -3.11 8.68 18.81
N1N NAD M . -4.46 8.44 18.14
C2N NAD M . -5.59 8.95 18.69
C3N NAD M . -6.81 8.68 18.13
C7N NAD M . -8.11 9.10 18.74
O7N NAD M . -9.17 8.92 18.11
N7N NAD M . -8.07 9.70 19.94
C4N NAD M . -6.86 7.86 16.99
C5N NAD M . -5.69 7.35 16.46
C6N NAD M . -4.49 7.65 17.05
C1 TCL N . -6.57 11.11 15.67
C2 TCL N . -7.87 11.35 16.04
C6 TCL N . -5.54 11.53 16.49
C5 TCL N . -5.85 12.17 17.71
C4 TCL N . -7.17 12.40 18.06
C3 TCL N . -8.19 12.00 17.21
C11 TCL N . -3.43 16.45 18.39
C10 TCL N . -2.86 15.57 19.26
C9 TCL N . -3.32 14.27 19.28
C8 TCL N . -4.33 13.85 18.40
C12 TCL N . -4.40 16.06 17.48
C13 TCL N . -4.84 14.75 17.49
O7 TCL N . -4.82 12.56 18.53
CL14 TCL N . -9.16 10.84 14.98
CL15 TCL N . -3.03 18.14 18.52
CL16 TCL N . -2.77 13.20 20.52
O17 TCL N . -4.23 11.35 16.15
#